data_8IZ7
#
_entry.id   8IZ7
#
_cell.length_a   1.00
_cell.length_b   1.00
_cell.length_c   1.00
_cell.angle_alpha   90.00
_cell.angle_beta   90.00
_cell.angle_gamma   90.00
#
_symmetry.space_group_name_H-M   'P 1'
#
loop_
_entity.id
_entity.type
_entity.pdbx_description
1 polymer 'ATP-binding cassette sub-family C member 4'
2 non-polymer '[(1Z)-5-fluoro-2-methyl-1-{4-[methylsulfinyl]benzylidene}-1H-inden-3-yl]acetic acid'
#
_entity_poly.entity_id   1
_entity_poly.type   'polypeptide(L)'
_entity_poly.pdbx_seq_one_letter_code
;MLPVYQEVKPNPLQDANLCSRVFFWWLNPLFKIGHKRRLEEDDMYSVLPEDRSQHLGEELQGFWDKEVLRAENDAQKPSL
TRAIIKCYWKSYLVLGIFTLIEESAKVIQPIFLGKIINYFENYDPMDSVALNTAYAYATVLTFCTLILAILHHLYFYHVQ
CAGMRLRVAMCHMIYRKALRLSNMAMGKTTTGQIVNLLSNDVNKFDQVTVFLHFLWAGPLQAIAVTALLWMEIGISCLAG
MAVLIILLPLQSCFGKLFSSLRSKTATFTDARIRTMNEVITGIRIIKMYAWEKSFSNLITNLRKKEISKILRSSCLRGMN
LASFFSASKIIVFVTFTTYVLLGSVITASRVFVAVTLYGAVRLTVTLFFPSAIERVSEAIVSIRRIQTFLLLDEISQRNR
QLPSDGKKMVHVQDFTAFWDKASETPTLQGLSFTVRPGELLAVVGPVGAGKSSLLSAVLGELAPSHGLVSVHGRIAYVSQ
QPWVFSGTLRSNILFGKKYEKERYEKVIKACALKKDLQLLEDGDLTVIGDRGTTLSGGQKARVNLARAVYQDADIYLLDD
PLSAVDAEVSRHLFELCICQILHEKITILVTHQLQYLKAASQILILKDGKMVQKGTYTEFLKSGIDFGSLLKKDNEESEQ
PPVPGTPTLRNRTFSESSVWSQQSSRPSLKDGALESQDTENVPVTLSEENRSEGKVGFQAYKNYFRAGAHWIVFIFLILL
NTAAQVAYVLQDWWLSYWANKQSMLNVTVNGGGNVTEKLDLNWYLGIYSGLTVATVLFGIARSLLVFYVLVNSSQTLHNK
MFESILKAPVLFFDRNPIGRILNRFSKDIGHLDDLLPLTFLDFIQTLLQVVGVVSVAVAVIPWIAIPLVPLGIIFIFLRR
YFLETSRDVKRLESTTRSPVFSHLSSSLQGLWTIRAYKAEERCQELFDAHQDLHSEAWFLFLTTSRWFAVRLDAICAMFV
IIVAFGSLILAKTLDAGQVGLALSYALTLMGMFQWCVRQSAEVENMMISVERVIEYTDLEKEAPWEYQKRPPPAWPHEGV
IIFDNVNFMYSPGGPLVLKHLTALIKSQEKVGIVGRTGAGKSSLISALFRLSEPEGKIWIDKILTTEIGLHDLRKKMSII
PQEPVLFTGTMRKNLDPFNEHTDEELWNALQEVQLKETIEDLPGKMDTELAESGSNFSVGQRQLVCLARAILRKNQILII
DEATANVDPRTDELIQKKIREKFAHCTVLTIAHRLNTIIDSDKIMVLDSGRLKEYDEPYVLLQNKESLFYKMVQQLGKAE
AAALTETAKQVYFKRNYPHIGHTDHMVTNTSNGQPSTLTIFETALLEGGGSGGGSDYKDHDGDYKDHDIDYKDDDDK
;
_entity_poly.pdbx_strand_id   A
#
# COMPACT_ATOMS: atom_id res chain seq x y z
N TYR A 5 -3.39 -31.58 -8.13
CA TYR A 5 -3.53 -31.83 -6.70
C TYR A 5 -2.66 -33.00 -6.26
N GLN A 6 -1.51 -32.70 -5.68
CA GLN A 6 -0.56 -33.70 -5.21
C GLN A 6 -0.85 -34.05 -3.76
N GLU A 7 -0.65 -35.33 -3.43
CA GLU A 7 -0.86 -35.82 -2.06
C GLU A 7 0.30 -35.35 -1.20
N VAL A 8 0.23 -34.08 -0.78
CA VAL A 8 1.28 -33.51 0.06
C VAL A 8 1.12 -34.01 1.49
N LYS A 9 2.15 -33.74 2.30
CA LYS A 9 2.19 -34.14 3.70
C LYS A 9 0.96 -33.61 4.44
N PRO A 10 0.07 -34.49 4.89
CA PRO A 10 -1.15 -34.03 5.57
C PRO A 10 -0.84 -33.57 6.99
N ASN A 11 -1.88 -33.03 7.63
CA ASN A 11 -1.75 -32.54 9.00
C ASN A 11 -1.77 -33.70 9.97
N PRO A 12 -0.87 -33.75 10.95
CA PRO A 12 -0.89 -34.85 11.94
C PRO A 12 -1.92 -34.67 13.04
N LEU A 13 -2.86 -33.73 12.90
CA LEU A 13 -3.87 -33.53 13.94
C LEU A 13 -4.86 -34.68 14.00
N GLN A 14 -5.08 -35.36 12.86
CA GLN A 14 -6.03 -36.48 12.84
C GLN A 14 -5.46 -37.72 13.50
N ASP A 15 -4.14 -37.89 13.49
CA ASP A 15 -3.48 -39.04 14.10
C ASP A 15 -2.83 -38.69 15.43
N ALA A 16 -3.43 -37.78 16.19
CA ALA A 16 -2.90 -37.33 17.45
C ALA A 16 -3.98 -37.41 18.53
N ASN A 17 -3.55 -37.70 19.75
CA ASN A 17 -4.47 -37.82 20.88
C ASN A 17 -4.77 -36.42 21.43
N LEU A 18 -5.48 -36.36 22.57
CA LEU A 18 -5.85 -35.07 23.13
C LEU A 18 -4.65 -34.40 23.80
N CYS A 19 -3.71 -35.18 24.33
CA CYS A 19 -2.55 -34.60 25.00
C CYS A 19 -1.65 -33.87 24.00
N SER A 20 -1.36 -34.51 22.87
CA SER A 20 -0.54 -33.86 21.85
C SER A 20 -1.28 -32.73 21.17
N ARG A 21 -2.62 -32.78 21.16
CA ARG A 21 -3.39 -31.67 20.60
C ARG A 21 -3.40 -30.47 21.53
N VAL A 22 -3.37 -30.70 22.85
CA VAL A 22 -3.35 -29.60 23.80
C VAL A 22 -1.95 -29.01 23.88
N PHE A 23 -0.93 -29.86 24.01
CA PHE A 23 0.45 -29.39 24.14
C PHE A 23 1.10 -29.06 22.80
N PHE A 24 0.41 -29.28 21.68
CA PHE A 24 0.94 -28.99 20.35
C PHE A 24 2.25 -29.72 20.11
N TRP A 25 2.27 -31.01 20.45
CA TRP A 25 3.48 -31.81 20.28
C TRP A 25 3.72 -32.21 18.83
N TRP A 26 2.72 -32.06 17.97
CA TRP A 26 2.84 -32.45 16.57
C TRP A 26 3.58 -31.43 15.72
N LEU A 27 4.12 -30.37 16.32
CA LEU A 27 4.87 -29.35 15.61
C LEU A 27 6.38 -29.53 15.70
N ASN A 28 6.82 -30.73 16.11
CA ASN A 28 8.27 -30.96 16.23
C ASN A 28 8.94 -31.18 14.88
N PRO A 29 8.42 -32.04 13.98
CA PRO A 29 9.11 -32.20 12.68
C PRO A 29 9.14 -30.92 11.86
N LEU A 30 8.06 -30.13 11.88
CA LEU A 30 8.06 -28.87 11.13
C LEU A 30 9.13 -27.92 11.64
N PHE A 31 9.25 -27.78 12.96
CA PHE A 31 10.28 -26.92 13.53
C PHE A 31 11.67 -27.46 13.24
N LYS A 32 11.85 -28.78 13.31
CA LYS A 32 13.15 -29.36 13.02
C LYS A 32 13.54 -29.15 11.55
N ILE A 33 12.56 -29.16 10.65
CA ILE A 33 12.87 -28.91 9.24
C ILE A 33 13.17 -27.43 9.02
N GLY A 34 12.38 -26.55 9.63
CA GLY A 34 12.58 -25.11 9.45
C GLY A 34 13.83 -24.58 10.13
N HIS A 35 14.38 -25.32 11.11
CA HIS A 35 15.58 -24.86 11.79
C HIS A 35 16.83 -25.08 10.95
N LYS A 36 16.87 -26.16 10.18
CA LYS A 36 18.06 -26.52 9.42
C LYS A 36 18.08 -25.96 8.01
N ARG A 37 16.95 -25.48 7.49
CA ARG A 37 16.88 -24.93 6.14
C ARG A 37 15.76 -23.92 6.09
N ARG A 38 15.47 -23.42 4.88
CA ARG A 38 14.43 -22.44 4.65
C ARG A 38 13.15 -23.11 4.17
N LEU A 39 12.03 -22.71 4.74
CA LEU A 39 10.73 -23.27 4.38
C LEU A 39 10.20 -22.59 3.12
N GLU A 40 9.57 -23.38 2.25
CA GLU A 40 9.01 -22.86 1.01
C GLU A 40 7.54 -23.24 0.89
N GLU A 41 6.94 -22.96 -0.28
CA GLU A 41 5.54 -23.27 -0.49
C GLU A 41 5.28 -24.78 -0.57
N ASP A 42 6.30 -25.58 -0.86
CA ASP A 42 6.16 -27.02 -0.95
C ASP A 42 6.43 -27.72 0.38
N ASP A 43 6.31 -27.00 1.50
CA ASP A 43 6.54 -27.57 2.82
C ASP A 43 5.39 -27.28 3.78
N MET A 44 4.19 -27.04 3.25
CA MET A 44 3.03 -26.73 4.07
C MET A 44 2.18 -27.99 4.27
N TYR A 45 1.30 -27.92 5.26
CA TYR A 45 0.41 -29.01 5.60
C TYR A 45 -1.00 -28.71 5.09
N SER A 46 -1.74 -29.77 4.76
CA SER A 46 -3.08 -29.61 4.23
C SER A 46 -4.07 -29.32 5.36
N VAL A 47 -5.15 -28.62 4.99
CA VAL A 47 -6.22 -28.29 5.92
C VAL A 47 -7.11 -29.51 6.11
N LEU A 48 -8.01 -29.46 7.09
CA LEU A 48 -8.94 -30.55 7.33
C LEU A 48 -9.77 -30.81 6.08
N PRO A 49 -9.76 -32.03 5.54
CA PRO A 49 -10.47 -32.29 4.28
C PRO A 49 -11.99 -32.27 4.43
N GLU A 50 -12.49 -32.00 5.64
CA GLU A 50 -13.92 -31.95 5.89
C GLU A 50 -14.62 -30.81 5.15
N ASP A 51 -14.01 -29.63 5.11
CA ASP A 51 -14.59 -28.47 4.43
C ASP A 51 -13.46 -27.60 3.90
N ARG A 52 -13.09 -27.81 2.63
CA ARG A 52 -12.06 -26.98 2.02
C ARG A 52 -12.67 -25.68 1.49
N SER A 53 -13.52 -25.78 0.47
CA SER A 53 -14.26 -24.62 -0.03
C SER A 53 -15.73 -24.92 -0.21
N GLN A 54 -16.05 -26.14 -0.66
CA GLN A 54 -17.41 -26.45 -1.09
C GLN A 54 -18.31 -26.72 0.12
N HIS A 55 -17.82 -27.48 1.09
CA HIS A 55 -18.63 -27.78 2.27
C HIS A 55 -18.86 -26.53 3.12
N LEU A 56 -18.09 -25.46 2.91
CA LEU A 56 -18.31 -24.20 3.58
C LEU A 56 -19.11 -23.22 2.73
N GLY A 57 -19.09 -23.37 1.40
CA GLY A 57 -19.83 -22.49 0.53
C GLY A 57 -21.26 -22.92 0.29
N GLU A 58 -21.47 -24.18 -0.10
CA GLU A 58 -22.79 -24.68 -0.41
C GLU A 58 -23.69 -24.75 0.82
N GLU A 59 -23.15 -25.11 1.98
CA GLU A 59 -23.95 -25.18 3.20
C GLU A 59 -24.50 -23.82 3.57
N LEU A 60 -23.71 -22.76 3.39
CA LEU A 60 -24.15 -21.40 3.63
C LEU A 60 -25.06 -20.88 2.53
N GLN A 61 -24.86 -21.31 1.28
CA GLN A 61 -25.71 -20.88 0.18
C GLN A 61 -27.10 -21.48 0.27
N GLY A 62 -27.21 -22.73 0.73
CA GLY A 62 -28.49 -23.39 0.86
C GLY A 62 -29.43 -22.68 1.81
N PHE A 63 -28.92 -22.31 2.99
CA PHE A 63 -29.74 -21.60 3.97
C PHE A 63 -30.14 -20.22 3.45
N TRP A 64 -29.21 -19.55 2.76
CA TRP A 64 -29.53 -18.23 2.20
C TRP A 64 -30.60 -18.33 1.12
N ASP A 65 -30.57 -19.41 0.34
CA ASP A 65 -31.58 -19.59 -0.70
C ASP A 65 -32.92 -20.00 -0.11
N LYS A 66 -32.89 -20.76 0.99
CA LYS A 66 -34.14 -21.15 1.66
C LYS A 66 -34.76 -19.97 2.39
N GLU A 67 -33.93 -19.01 2.81
CA GLU A 67 -34.46 -17.83 3.48
C GLU A 67 -35.27 -16.95 2.54
N VAL A 68 -35.09 -17.12 1.22
CA VAL A 68 -35.86 -16.35 0.26
C VAL A 68 -37.34 -16.68 0.35
N LEU A 69 -37.69 -17.92 0.67
CA LEU A 69 -39.10 -18.28 0.85
C LEU A 69 -39.71 -17.59 2.06
N ARG A 70 -38.97 -17.55 3.18
CA ARG A 70 -39.51 -16.91 4.39
C ARG A 70 -39.55 -15.39 4.24
N ALA A 71 -38.91 -14.86 3.19
CA ALA A 71 -38.97 -13.45 2.87
C ALA A 71 -40.03 -13.13 1.82
N GLU A 72 -40.36 -14.08 0.95
CA GLU A 72 -41.35 -13.83 -0.08
C GLU A 72 -42.76 -14.19 0.38
N ASN A 73 -42.89 -15.13 1.33
CA ASN A 73 -44.19 -15.53 1.83
C ASN A 73 -44.87 -14.44 2.64
N ASP A 74 -44.09 -13.58 3.29
CA ASP A 74 -44.62 -12.43 4.01
C ASP A 74 -44.37 -11.10 3.31
N ALA A 75 -43.23 -10.96 2.63
CA ALA A 75 -42.91 -9.78 1.81
C ALA A 75 -42.93 -8.50 2.65
N GLN A 76 -42.07 -8.51 3.67
CA GLN A 76 -41.91 -7.32 4.51
C GLN A 76 -40.50 -6.74 4.36
N LYS A 77 -39.49 -7.51 4.74
CA LYS A 77 -38.10 -7.07 4.71
C LYS A 77 -37.22 -8.31 4.60
N PRO A 78 -36.16 -8.24 3.79
CA PRO A 78 -35.21 -9.36 3.72
C PRO A 78 -34.13 -9.26 4.78
N SER A 79 -33.75 -10.40 5.36
CA SER A 79 -32.75 -10.45 6.42
C SER A 79 -31.66 -11.44 6.06
N LEU A 80 -30.40 -11.00 6.17
CA LEU A 80 -29.28 -11.89 5.89
C LEU A 80 -28.65 -12.38 7.18
N THR A 81 -28.77 -11.61 8.26
CA THR A 81 -28.20 -11.98 9.55
C THR A 81 -28.89 -13.23 10.11
N ARG A 82 -30.17 -13.41 9.78
CA ARG A 82 -30.90 -14.58 10.27
C ARG A 82 -30.33 -15.87 9.69
N ALA A 83 -29.93 -15.86 8.42
CA ALA A 83 -29.36 -17.05 7.82
C ALA A 83 -28.03 -17.40 8.45
N ILE A 84 -27.24 -16.37 8.82
CA ILE A 84 -25.97 -16.62 9.49
C ILE A 84 -26.19 -17.17 10.90
N ILE A 85 -27.17 -16.60 11.61
CA ILE A 85 -27.49 -17.05 12.96
C ILE A 85 -28.02 -18.47 12.99
N LYS A 86 -28.92 -18.84 12.07
CA LYS A 86 -29.52 -20.16 12.03
C LYS A 86 -28.60 -21.21 11.40
N CYS A 87 -27.32 -20.87 11.24
CA CYS A 87 -26.36 -21.80 10.66
C CYS A 87 -25.26 -22.25 11.63
N TYR A 88 -24.78 -21.39 12.51
CA TYR A 88 -23.73 -21.74 13.45
C TYR A 88 -24.21 -21.77 14.90
N TRP A 89 -25.50 -21.56 15.15
CA TRP A 89 -26.01 -21.60 16.51
C TRP A 89 -26.12 -23.03 17.02
N LYS A 90 -26.06 -24.02 16.12
CA LYS A 90 -26.14 -25.43 16.49
C LYS A 90 -24.98 -25.85 17.38
N SER A 91 -23.77 -25.35 17.12
CA SER A 91 -22.60 -25.69 17.94
C SER A 91 -21.94 -24.36 18.36
N TYR A 92 -22.48 -23.76 19.42
CA TYR A 92 -21.91 -22.54 19.97
C TYR A 92 -21.86 -22.61 21.50
N LEU A 93 -22.71 -23.47 22.08
CA LEU A 93 -22.79 -23.54 23.54
C LEU A 93 -21.90 -24.64 24.09
N VAL A 94 -21.43 -25.54 23.21
CA VAL A 94 -20.52 -26.60 23.63
C VAL A 94 -19.19 -25.99 24.03
N LEU A 95 -18.87 -24.83 23.46
CA LEU A 95 -17.67 -24.07 23.80
C LEU A 95 -17.94 -23.02 24.86
N GLY A 96 -19.20 -22.84 25.24
CA GLY A 96 -19.58 -21.89 26.27
C GLY A 96 -19.58 -22.44 27.68
N ILE A 97 -19.22 -23.71 27.86
CA ILE A 97 -19.14 -24.31 29.19
C ILE A 97 -17.68 -24.26 29.63
N PHE A 98 -16.78 -23.98 28.69
CA PHE A 98 -15.36 -23.89 28.98
C PHE A 98 -15.02 -22.51 29.55
N THR A 99 -15.89 -21.53 29.32
CA THR A 99 -15.72 -20.17 29.83
C THR A 99 -16.32 -20.02 31.22
N LEU A 100 -16.97 -21.07 31.73
CA LEU A 100 -17.55 -21.05 33.07
C LEU A 100 -16.68 -21.68 34.14
N ILE A 101 -15.93 -22.74 33.84
CA ILE A 101 -15.03 -23.36 34.81
C ILE A 101 -13.70 -22.62 34.89
N GLU A 102 -13.18 -22.14 33.75
CA GLU A 102 -11.91 -21.43 33.72
C GLU A 102 -11.99 -20.01 34.27
N GLU A 103 -13.02 -19.23 33.95
CA GLU A 103 -13.13 -17.86 34.41
C GLU A 103 -13.65 -17.77 35.85
N SER A 104 -13.90 -18.91 36.48
CA SER A 104 -14.35 -18.92 37.86
C SER A 104 -13.29 -19.37 38.86
N ALA A 105 -12.11 -19.81 38.40
CA ALA A 105 -11.04 -20.24 39.28
C ALA A 105 -10.13 -19.08 39.69
N LYS A 106 -10.52 -17.84 39.36
CA LYS A 106 -9.75 -16.66 39.70
C LYS A 106 -10.40 -15.90 40.86
N VAL A 107 -11.49 -16.43 41.39
CA VAL A 107 -12.20 -15.80 42.50
C VAL A 107 -12.02 -16.65 43.75
N ILE A 108 -11.95 -17.97 43.57
CA ILE A 108 -11.79 -18.90 44.67
C ILE A 108 -10.33 -18.93 45.12
N GLN A 109 -9.43 -18.47 44.25
CA GLN A 109 -8.00 -18.49 44.53
C GLN A 109 -7.66 -17.54 45.69
N PRO A 110 -8.17 -16.30 45.73
CA PRO A 110 -7.93 -15.47 46.93
C PRO A 110 -8.54 -16.06 48.19
N ILE A 111 -9.65 -16.79 48.06
CA ILE A 111 -10.26 -17.43 49.23
C ILE A 111 -9.31 -18.46 49.82
N PHE A 112 -8.67 -19.27 48.97
CA PHE A 112 -7.68 -20.22 49.44
C PHE A 112 -6.40 -19.56 49.91
N LEU A 113 -6.04 -18.41 49.32
CA LEU A 113 -4.85 -17.69 49.76
C LEU A 113 -5.04 -17.14 51.17
N GLY A 114 -6.21 -16.58 51.45
CA GLY A 114 -6.51 -16.05 52.77
C GLY A 114 -6.50 -17.10 53.87
N LYS A 115 -6.82 -18.35 53.55
CA LYS A 115 -6.78 -19.43 54.55
C LYS A 115 -5.36 -19.80 54.94
N ILE A 116 -4.38 -19.54 54.08
CA ILE A 116 -2.98 -19.82 54.38
C ILE A 116 -2.36 -18.58 54.99
N ILE A 117 -2.88 -17.41 54.64
CA ILE A 117 -2.37 -16.14 55.16
C ILE A 117 -2.60 -16.07 56.66
N ASN A 118 -3.81 -16.37 57.11
CA ASN A 118 -4.17 -16.28 58.52
C ASN A 118 -3.76 -17.51 59.33
N TYR A 119 -2.88 -18.34 58.79
CA TYR A 119 -2.45 -19.55 59.48
C TYR A 119 -1.22 -19.34 60.35
N PHE A 120 -0.32 -18.44 59.96
CA PHE A 120 0.93 -18.24 60.69
C PHE A 120 0.74 -17.47 62.00
N GLU A 121 -0.47 -16.99 62.29
CA GLU A 121 -0.72 -16.21 63.49
C GLU A 121 -0.99 -17.07 64.72
N ASN A 122 -0.92 -18.38 64.61
CA ASN A 122 -1.16 -19.29 65.73
C ASN A 122 -0.14 -20.41 65.83
N TYR A 123 1.01 -20.26 65.17
CA TYR A 123 2.01 -21.31 65.20
C TYR A 123 3.04 -21.06 66.31
N ASP A 124 2.55 -20.93 67.54
CA ASP A 124 3.45 -20.81 68.68
C ASP A 124 4.01 -22.18 69.06
N PRO A 125 3.17 -23.20 69.37
CA PRO A 125 3.73 -24.51 69.68
C PRO A 125 3.85 -25.40 68.45
N MET A 126 4.29 -26.64 68.64
CA MET A 126 4.30 -27.59 67.55
C MET A 126 2.87 -28.03 67.22
N ASP A 127 2.46 -27.75 65.98
CA ASP A 127 1.07 -27.94 65.57
C ASP A 127 0.99 -28.68 64.24
N SER A 128 1.69 -29.80 64.13
CA SER A 128 1.72 -30.60 62.91
C SER A 128 0.32 -30.92 62.39
N VAL A 129 -0.65 -31.03 63.30
CA VAL A 129 -2.04 -31.26 62.92
C VAL A 129 -2.54 -30.06 62.13
N ALA A 130 -2.25 -28.86 62.62
CA ALA A 130 -2.60 -27.64 61.90
C ALA A 130 -1.82 -27.55 60.59
N LEU A 131 -0.64 -28.17 60.56
CA LEU A 131 0.13 -28.26 59.32
C LEU A 131 -0.45 -29.34 58.42
N ASN A 132 -0.94 -30.43 59.01
CA ASN A 132 -1.58 -31.50 58.26
C ASN A 132 -2.86 -31.05 57.56
N THR A 133 -3.68 -30.21 58.20
CA THR A 133 -4.89 -29.69 57.58
C THR A 133 -4.61 -28.54 56.62
N ALA A 134 -3.44 -27.89 56.75
CA ALA A 134 -3.03 -26.84 55.83
C ALA A 134 -2.28 -27.36 54.62
N TYR A 135 -1.77 -28.59 54.67
CA TYR A 135 -1.16 -29.21 53.50
C TYR A 135 -2.14 -29.29 52.33
N ALA A 136 -3.43 -29.47 52.60
CA ALA A 136 -4.42 -29.51 51.51
C ALA A 136 -4.68 -28.12 50.96
N TYR A 137 -4.69 -27.11 51.83
CA TYR A 137 -4.83 -25.73 51.36
C TYR A 137 -3.63 -25.27 50.55
N ALA A 138 -2.44 -25.77 50.88
CA ALA A 138 -1.21 -25.43 50.17
C ALA A 138 -1.03 -26.30 48.93
N THR A 139 -1.99 -27.20 48.69
CA THR A 139 -1.94 -28.07 47.52
C THR A 139 -3.01 -27.65 46.51
N VAL A 140 -4.19 -27.31 47.00
CA VAL A 140 -5.26 -26.84 46.12
C VAL A 140 -4.84 -25.52 45.44
N LEU A 141 -4.10 -24.68 46.16
CA LEU A 141 -3.67 -23.40 45.60
C LEU A 141 -2.78 -23.58 44.38
N THR A 142 -1.85 -24.54 44.42
CA THR A 142 -0.96 -24.79 43.31
C THR A 142 -1.57 -25.74 42.27
N PHE A 143 -2.62 -26.47 42.64
CA PHE A 143 -3.35 -27.30 41.69
C PHE A 143 -4.35 -26.53 40.85
N CYS A 144 -4.96 -25.48 41.39
CA CYS A 144 -5.94 -24.69 40.67
C CYS A 144 -5.32 -23.88 39.53
N THR A 145 -4.10 -23.39 39.69
CA THR A 145 -3.44 -22.57 38.68
C THR A 145 -2.93 -23.38 37.50
N LEU A 146 -3.16 -24.69 37.47
CA LEU A 146 -2.68 -25.53 36.37
C LEU A 146 -3.62 -25.42 35.16
N ILE A 147 -4.93 -25.49 35.41
CA ILE A 147 -5.93 -25.37 34.36
C ILE A 147 -5.95 -23.94 33.85
N LEU A 148 -5.78 -22.99 34.76
CA LEU A 148 -5.74 -21.57 34.41
C LEU A 148 -4.51 -21.20 33.58
N ALA A 149 -3.57 -22.13 33.39
CA ALA A 149 -2.34 -21.85 32.67
C ALA A 149 -2.18 -22.71 31.42
N ILE A 150 -2.63 -23.97 31.46
CA ILE A 150 -2.38 -24.88 30.34
C ILE A 150 -3.68 -25.19 29.60
N LEU A 151 -4.80 -24.63 30.08
CA LEU A 151 -6.08 -24.88 29.44
C LEU A 151 -6.70 -23.57 28.98
N HIS A 152 -5.90 -22.72 28.35
CA HIS A 152 -6.37 -21.46 27.78
C HIS A 152 -6.01 -21.30 26.32
N HIS A 153 -4.82 -21.78 25.92
CA HIS A 153 -4.40 -21.66 24.52
C HIS A 153 -5.25 -22.51 23.60
N LEU A 154 -5.66 -23.69 24.04
CA LEU A 154 -6.53 -24.53 23.23
C LEU A 154 -7.88 -23.85 23.00
N TYR A 155 -8.45 -23.25 24.04
CA TYR A 155 -9.70 -22.52 23.90
C TYR A 155 -9.54 -21.31 22.99
N PHE A 156 -8.42 -20.59 23.12
CA PHE A 156 -8.18 -19.44 22.24
C PHE A 156 -8.07 -19.86 20.79
N TYR A 157 -7.38 -20.98 20.53
CA TYR A 157 -7.25 -21.47 19.15
C TYR A 157 -8.59 -21.93 18.60
N HIS A 158 -9.37 -22.64 19.43
CA HIS A 158 -10.69 -23.09 18.99
C HIS A 158 -11.64 -21.93 18.70
N VAL A 159 -11.51 -20.84 19.46
CA VAL A 159 -12.31 -19.64 19.18
C VAL A 159 -11.83 -18.93 17.92
N GLN A 160 -10.52 -18.77 17.74
CA GLN A 160 -9.99 -18.12 16.56
C GLN A 160 -10.24 -18.91 15.28
N CYS A 161 -10.34 -20.24 15.36
CA CYS A 161 -10.60 -21.06 14.19
C CYS A 161 -11.99 -20.82 13.59
N ALA A 162 -12.95 -20.36 14.39
CA ALA A 162 -14.30 -20.14 13.88
C ALA A 162 -14.40 -18.92 12.98
N GLY A 163 -13.44 -17.99 13.08
CA GLY A 163 -13.48 -16.78 12.26
C GLY A 163 -13.05 -17.01 10.83
N MET A 164 -11.96 -17.76 10.64
CA MET A 164 -11.47 -18.02 9.28
C MET A 164 -12.46 -18.86 8.48
N ARG A 165 -13.20 -19.74 9.15
CA ARG A 165 -14.22 -20.52 8.45
C ARG A 165 -15.31 -19.61 7.87
N LEU A 166 -15.81 -18.69 8.69
CA LEU A 166 -16.83 -17.75 8.21
C LEU A 166 -16.25 -16.83 7.15
N ARG A 167 -14.98 -16.45 7.29
CA ARG A 167 -14.34 -15.60 6.27
C ARG A 167 -14.28 -16.32 4.93
N VAL A 168 -13.88 -17.59 4.94
CA VAL A 168 -13.80 -18.36 3.70
C VAL A 168 -15.19 -18.57 3.12
N ALA A 169 -16.18 -18.83 3.98
CA ALA A 169 -17.54 -19.01 3.50
C ALA A 169 -18.10 -17.75 2.86
N MET A 170 -17.72 -16.58 3.39
CA MET A 170 -18.18 -15.33 2.81
C MET A 170 -17.42 -15.01 1.51
N CYS A 171 -16.13 -15.36 1.46
CA CYS A 171 -15.34 -15.07 0.28
C CYS A 171 -15.67 -16.01 -0.87
N HIS A 172 -16.19 -17.19 -0.57
CA HIS A 172 -16.56 -18.12 -1.64
C HIS A 172 -17.86 -17.73 -2.31
N MET A 173 -18.84 -17.24 -1.54
CA MET A 173 -20.15 -16.89 -2.05
C MET A 173 -20.17 -15.54 -2.76
N ILE A 174 -19.12 -14.74 -2.61
CA ILE A 174 -19.04 -13.42 -3.22
C ILE A 174 -18.51 -13.46 -4.64
N TYR A 175 -17.86 -14.56 -5.04
CA TYR A 175 -17.34 -14.71 -6.39
C TYR A 175 -18.28 -15.42 -7.34
N ARG A 176 -18.99 -16.46 -6.90
CA ARG A 176 -19.94 -17.17 -7.73
C ARG A 176 -21.13 -16.30 -8.14
N LYS A 177 -21.42 -15.24 -7.39
CA LYS A 177 -22.48 -14.31 -7.72
C LYS A 177 -22.19 -13.47 -8.95
N ALA A 178 -20.92 -13.08 -9.15
CA ALA A 178 -20.55 -12.26 -10.30
C ALA A 178 -20.35 -13.13 -11.54
N LEU A 179 -21.34 -13.97 -11.85
CA LEU A 179 -21.32 -14.78 -13.06
C LEU A 179 -22.71 -14.75 -13.69
N ARG A 180 -23.65 -14.11 -13.00
CA ARG A 180 -25.01 -13.91 -13.47
C ARG A 180 -25.34 -12.43 -13.42
N LEU A 181 -24.43 -11.62 -13.97
CA LEU A 181 -24.40 -10.17 -13.73
C LEU A 181 -25.56 -9.45 -14.40
N SER A 182 -25.61 -8.13 -14.22
CA SER A 182 -26.70 -7.27 -14.67
C SER A 182 -26.15 -6.08 -15.42
N ASN A 183 -25.33 -6.34 -16.45
CA ASN A 183 -24.36 -5.41 -17.04
C ASN A 183 -24.79 -3.95 -17.03
N MET A 184 -26.06 -3.67 -17.35
CA MET A 184 -26.56 -2.29 -17.24
C MET A 184 -26.32 -1.75 -15.83
N ALA A 185 -26.57 -2.57 -14.81
CA ALA A 185 -26.27 -2.18 -13.44
C ALA A 185 -24.77 -2.14 -13.20
N MET A 186 -24.03 -3.02 -13.87
CA MET A 186 -22.57 -3.00 -13.81
C MET A 186 -22.02 -1.73 -14.44
N GLY A 187 -22.61 -1.32 -15.56
CA GLY A 187 -22.27 -0.04 -16.14
C GLY A 187 -22.66 1.14 -15.28
N LYS A 188 -23.75 1.01 -14.50
CA LYS A 188 -24.09 2.04 -13.54
C LYS A 188 -23.07 2.16 -12.42
N THR A 189 -22.55 1.04 -11.93
CA THR A 189 -21.57 1.06 -10.86
C THR A 189 -20.15 1.05 -11.41
N THR A 190 -19.16 0.88 -10.53
CA THR A 190 -17.76 0.88 -10.94
C THR A 190 -17.09 -0.38 -10.42
N THR A 191 -16.28 -1.01 -11.27
CA THR A 191 -15.58 -2.24 -10.91
C THR A 191 -14.49 -2.03 -9.87
N GLY A 192 -14.18 -0.79 -9.51
CA GLY A 192 -13.18 -0.50 -8.51
C GLY A 192 -13.60 -0.72 -7.07
N GLN A 193 -14.84 -1.14 -6.83
CA GLN A 193 -15.34 -1.39 -5.49
C GLN A 193 -15.59 -2.85 -5.19
N ILE A 194 -16.01 -3.64 -6.19
CA ILE A 194 -16.27 -5.06 -5.98
C ILE A 194 -15.03 -5.82 -5.55
N VAL A 195 -13.90 -5.60 -6.23
CA VAL A 195 -12.64 -6.18 -5.79
C VAL A 195 -12.06 -5.45 -4.58
N ASN A 196 -12.58 -4.26 -4.27
CA ASN A 196 -12.05 -3.49 -3.14
C ASN A 196 -12.58 -4.00 -1.81
N LEU A 197 -13.88 -4.34 -1.75
CA LEU A 197 -14.49 -4.75 -0.48
C LEU A 197 -14.21 -6.24 -0.26
N LEU A 198 -12.94 -6.61 -0.38
CA LEU A 198 -12.52 -7.99 -0.24
C LEU A 198 -11.32 -8.10 0.71
N SER A 199 -10.65 -6.98 0.95
CA SER A 199 -9.47 -6.97 1.81
C SER A 199 -9.77 -6.30 3.15
N ASN A 200 -10.97 -5.71 3.28
CA ASN A 200 -11.34 -5.01 4.49
C ASN A 200 -12.60 -5.54 5.15
N ASP A 201 -13.49 -6.22 4.43
CA ASP A 201 -14.74 -6.73 4.98
C ASP A 201 -14.61 -8.18 5.46
N VAL A 202 -13.40 -8.71 5.52
CA VAL A 202 -13.17 -10.09 5.95
C VAL A 202 -12.22 -10.19 7.13
N ASN A 203 -11.50 -9.12 7.46
CA ASN A 203 -10.56 -9.15 8.58
C ASN A 203 -11.22 -8.91 9.92
N LYS A 204 -12.40 -8.28 9.95
CA LYS A 204 -13.08 -8.03 11.21
C LYS A 204 -13.73 -9.27 11.78
N PHE A 205 -13.96 -10.29 10.95
CA PHE A 205 -14.60 -11.51 11.45
C PHE A 205 -13.68 -12.32 12.35
N ASP A 206 -12.37 -12.18 12.16
CA ASP A 206 -11.41 -12.93 12.96
C ASP A 206 -11.12 -12.29 14.31
N GLN A 207 -11.78 -11.19 14.65
CA GLN A 207 -11.55 -10.50 15.90
C GLN A 207 -12.78 -10.33 16.77
N VAL A 208 -13.97 -10.18 16.18
CA VAL A 208 -15.17 -9.97 16.96
C VAL A 208 -15.60 -11.24 17.70
N THR A 209 -15.43 -12.41 17.06
CA THR A 209 -15.80 -13.68 17.66
C THR A 209 -14.90 -14.05 18.83
N VAL A 210 -13.76 -13.39 18.98
CA VAL A 210 -12.85 -13.66 20.09
C VAL A 210 -13.34 -13.04 21.39
N PHE A 211 -13.89 -11.83 21.37
CA PHE A 211 -14.35 -11.17 22.58
C PHE A 211 -15.88 -11.04 22.61
N LEU A 212 -16.57 -11.69 21.66
CA LEU A 212 -18.02 -11.67 21.63
C LEU A 212 -18.66 -12.51 22.72
N HIS A 213 -17.95 -13.53 23.24
CA HIS A 213 -18.55 -14.40 24.25
C HIS A 213 -18.43 -13.82 25.65
N PHE A 214 -17.72 -12.70 25.80
CA PHE A 214 -17.54 -12.09 27.11
C PHE A 214 -18.70 -11.17 27.47
N LEU A 215 -19.63 -10.99 26.54
CA LEU A 215 -20.76 -10.08 26.73
C LEU A 215 -21.60 -10.48 27.94
N TRP A 216 -21.93 -11.77 28.06
CA TRP A 216 -22.74 -12.24 29.18
C TRP A 216 -21.90 -12.74 30.35
N ALA A 217 -20.58 -12.72 30.24
CA ALA A 217 -19.68 -13.16 31.29
C ALA A 217 -19.03 -11.98 31.99
N GLY A 218 -19.23 -10.78 31.45
CA GLY A 218 -18.66 -9.58 32.02
C GLY A 218 -19.38 -9.10 33.26
N PRO A 219 -20.66 -8.71 33.12
CA PRO A 219 -21.40 -8.19 34.28
C PRO A 219 -21.59 -9.21 35.39
N LEU A 220 -21.49 -10.50 35.07
CA LEU A 220 -21.65 -11.54 36.07
C LEU A 220 -20.52 -11.48 37.10
N GLN A 221 -19.29 -11.23 36.63
CA GLN A 221 -18.17 -11.09 37.55
C GLN A 221 -18.30 -9.83 38.40
N ALA A 222 -18.87 -8.77 37.82
CA ALA A 222 -19.02 -7.49 38.50
C ALA A 222 -20.08 -7.57 39.60
N ILE A 223 -20.74 -8.72 39.67
CA ILE A 223 -21.74 -8.99 40.71
C ILE A 223 -21.16 -10.00 41.68
N ALA A 224 -20.51 -11.04 41.15
CA ALA A 224 -19.92 -12.07 42.01
C ALA A 224 -18.80 -11.50 42.88
N VAL A 225 -17.83 -10.83 42.28
CA VAL A 225 -16.75 -10.23 43.06
C VAL A 225 -17.30 -9.15 43.99
N THR A 226 -18.32 -8.42 43.52
CA THR A 226 -18.93 -7.40 44.36
C THR A 226 -19.52 -8.00 45.63
N ALA A 227 -20.24 -9.11 45.51
CA ALA A 227 -20.82 -9.76 46.68
C ALA A 227 -19.73 -10.36 47.57
N LEU A 228 -18.71 -10.97 46.95
CA LEU A 228 -17.65 -11.58 47.74
C LEU A 228 -16.83 -10.54 48.49
N LEU A 229 -16.78 -9.31 47.96
CA LEU A 229 -16.04 -8.24 48.62
C LEU A 229 -16.92 -7.41 49.55
N TRP A 230 -18.25 -7.48 49.39
CA TRP A 230 -19.16 -6.92 50.38
C TRP A 230 -19.31 -7.83 51.59
N MET A 231 -19.11 -9.14 51.42
CA MET A 231 -19.10 -10.04 52.57
C MET A 231 -17.86 -9.83 53.43
N GLU A 232 -17.01 -8.87 53.05
CA GLU A 232 -15.79 -8.53 53.76
C GLU A 232 -16.08 -7.65 54.98
N ILE A 233 -15.04 -7.00 55.49
CA ILE A 233 -15.03 -6.29 56.78
C ILE A 233 -16.31 -5.50 57.04
N GLY A 234 -16.81 -4.77 56.05
CA GLY A 234 -18.01 -3.99 56.26
C GLY A 234 -18.36 -3.17 55.03
N ILE A 235 -19.08 -2.09 55.28
CA ILE A 235 -19.66 -1.26 54.23
C ILE A 235 -18.62 -0.29 53.63
N SER A 236 -17.37 -0.35 54.10
CA SER A 236 -16.34 0.54 53.59
C SER A 236 -15.89 0.14 52.19
N CYS A 237 -16.56 -0.82 51.57
CA CYS A 237 -16.24 -1.31 50.24
C CYS A 237 -16.89 -0.50 49.12
N LEU A 238 -17.72 0.49 49.44
CA LEU A 238 -18.40 1.28 48.42
C LEU A 238 -17.52 2.38 47.83
N ALA A 239 -16.58 2.92 48.60
CA ALA A 239 -15.70 3.98 48.15
C ALA A 239 -14.74 3.50 47.06
N GLY A 240 -14.33 2.24 47.11
CA GLY A 240 -13.45 1.70 46.09
C GLY A 240 -14.18 1.37 44.81
N MET A 241 -15.48 1.09 44.92
CA MET A 241 -16.27 0.79 43.72
C MET A 241 -16.80 2.06 43.08
N ALA A 242 -16.98 3.12 43.88
CA ALA A 242 -17.48 4.39 43.38
C ALA A 242 -16.50 5.00 42.37
N VAL A 243 -15.22 4.68 42.52
CA VAL A 243 -14.23 5.17 41.57
C VAL A 243 -14.41 4.53 40.20
N LEU A 244 -14.54 3.20 40.15
CA LEU A 244 -14.69 2.48 38.89
C LEU A 244 -16.16 2.35 38.49
N ILE A 245 -16.90 3.44 38.53
CA ILE A 245 -18.19 3.57 37.85
C ILE A 245 -18.11 4.86 37.07
N ILE A 246 -17.20 5.75 37.49
CA ILE A 246 -16.93 7.00 36.78
C ILE A 246 -15.60 6.96 36.04
N LEU A 247 -14.72 6.02 36.36
CA LEU A 247 -13.45 5.86 35.65
C LEU A 247 -13.67 5.32 34.24
N LEU A 248 -14.78 4.60 34.01
CA LEU A 248 -15.08 4.03 32.71
C LEU A 248 -15.55 5.10 31.72
N PRO A 249 -16.54 5.96 32.06
CA PRO A 249 -16.95 6.99 31.09
C PRO A 249 -15.94 8.13 30.99
N LEU A 250 -14.94 8.13 31.87
CA LEU A 250 -13.90 9.14 31.86
C LEU A 250 -12.93 9.00 30.69
N GLN A 251 -12.63 7.79 30.26
CA GLN A 251 -11.74 7.60 29.11
C GLN A 251 -12.47 7.77 27.79
N SER A 252 -13.80 7.76 27.78
CA SER A 252 -14.58 7.96 26.58
C SER A 252 -14.72 9.43 26.20
N CYS A 253 -14.45 10.34 27.12
CA CYS A 253 -14.49 11.77 26.85
C CYS A 253 -13.18 12.26 26.26
N PHE A 254 -12.15 11.41 26.30
CA PHE A 254 -10.86 11.74 25.71
C PHE A 254 -10.81 11.28 24.26
N GLY A 255 -11.47 10.16 23.96
CA GLY A 255 -11.51 9.68 22.59
C GLY A 255 -12.28 10.62 21.68
N LYS A 256 -13.35 11.23 22.21
CA LYS A 256 -14.13 12.18 21.42
C LYS A 256 -13.30 13.41 21.07
N LEU A 257 -12.45 13.85 22.00
CA LEU A 257 -11.59 14.99 21.72
C LEU A 257 -10.45 14.61 20.79
N PHE A 258 -9.96 13.37 20.90
CA PHE A 258 -8.88 12.91 20.02
C PHE A 258 -9.39 12.74 18.59
N SER A 259 -10.67 12.39 18.44
CA SER A 259 -11.27 12.26 17.13
C SER A 259 -11.29 13.57 16.34
N SER A 260 -11.31 14.72 17.03
CA SER A 260 -11.22 15.99 16.33
C SER A 260 -9.87 16.14 15.66
N LEU A 261 -8.82 15.62 16.28
CA LEU A 261 -7.49 15.62 15.69
C LEU A 261 -7.27 14.34 14.88
N ARG A 262 -6.07 14.23 14.31
CA ARG A 262 -5.66 13.06 13.51
C ARG A 262 -6.51 12.92 12.24
N SER A 263 -7.39 13.91 12.03
CA SER A 263 -8.21 13.97 10.83
C SER A 263 -8.20 15.38 10.26
N LYS A 264 -7.75 16.34 11.06
CA LYS A 264 -7.65 17.74 10.65
C LYS A 264 -6.27 18.07 10.10
N THR A 265 -5.22 17.40 10.60
CA THR A 265 -3.86 17.58 10.12
C THR A 265 -3.56 16.84 8.83
N ALA A 266 -4.54 16.16 8.23
CA ALA A 266 -4.35 15.43 6.99
C ALA A 266 -4.31 16.33 5.76
N THR A 267 -4.47 17.64 5.95
CA THR A 267 -4.40 18.58 4.84
C THR A 267 -2.99 19.14 4.72
N PHE A 268 -2.06 18.59 5.49
CA PHE A 268 -0.66 19.03 5.45
C PHE A 268 0.25 17.85 5.15
N THR A 269 -0.19 16.64 5.48
CA THR A 269 0.55 15.42 5.18
C THR A 269 0.14 14.79 3.87
N ASP A 270 -0.94 15.28 3.25
CA ASP A 270 -1.38 14.78 1.95
C ASP A 270 -1.21 15.86 0.89
N ALA A 271 -0.62 16.99 1.28
CA ALA A 271 -0.37 18.09 0.36
C ALA A 271 1.09 18.23 -0.07
N ARG A 272 2.04 17.69 0.68
CA ARG A 272 3.44 17.73 0.31
C ARG A 272 3.90 16.51 -0.47
N ILE A 273 3.35 15.34 -0.18
CA ILE A 273 3.72 14.13 -0.92
C ILE A 273 3.32 14.22 -2.39
N ARG A 274 2.14 14.75 -2.68
CA ARG A 274 1.71 14.95 -4.06
C ARG A 274 2.55 16.01 -4.78
N THR A 275 2.92 17.08 -4.08
CA THR A 275 3.77 18.10 -4.70
C THR A 275 5.18 17.57 -4.96
N MET A 276 5.67 16.67 -4.10
CA MET A 276 6.99 16.09 -4.31
C MET A 276 7.03 15.24 -5.57
N ASN A 277 5.88 14.64 -5.92
CA ASN A 277 5.80 13.84 -7.14
C ASN A 277 6.03 14.70 -8.38
N GLU A 278 5.55 15.95 -8.35
CA GLU A 278 5.74 16.87 -9.46
C GLU A 278 7.18 17.35 -9.60
N VAL A 279 7.91 17.48 -8.49
CA VAL A 279 9.28 17.98 -8.50
C VAL A 279 10.30 16.87 -8.68
N ILE A 280 9.94 15.61 -8.39
CA ILE A 280 10.88 14.50 -8.53
C ILE A 280 10.75 13.81 -9.88
N THR A 281 9.66 14.02 -10.61
CA THR A 281 9.47 13.41 -11.91
C THR A 281 10.23 14.12 -13.02
N GLY A 282 10.65 15.37 -12.80
CA GLY A 282 11.39 16.13 -13.79
C GLY A 282 12.64 16.80 -13.29
N ILE A 283 13.40 16.17 -12.39
CA ILE A 283 14.59 16.81 -11.82
C ILE A 283 15.60 17.10 -12.93
N ARG A 284 15.57 16.32 -14.01
CA ARG A 284 16.47 16.57 -15.14
C ARG A 284 16.21 17.94 -15.75
N ILE A 285 14.98 18.44 -15.63
CA ILE A 285 14.65 19.73 -16.22
C ILE A 285 14.79 20.85 -15.20
N ILE A 286 14.48 20.56 -13.93
CA ILE A 286 14.51 21.61 -12.90
C ILE A 286 15.93 21.86 -12.43
N LYS A 287 16.85 20.91 -12.63
CA LYS A 287 18.21 21.07 -12.13
C LYS A 287 18.91 22.25 -12.79
N MET A 288 18.79 22.36 -14.11
CA MET A 288 19.44 23.45 -14.85
C MET A 288 18.50 24.64 -15.05
N TYR A 289 17.86 25.09 -13.98
CA TYR A 289 17.02 26.28 -14.01
C TYR A 289 17.39 27.24 -12.88
N ALA A 290 18.12 26.73 -11.89
CA ALA A 290 18.47 27.47 -10.67
C ALA A 290 17.20 27.90 -9.92
N TRP A 291 16.29 26.93 -9.80
CA TRP A 291 15.01 27.16 -9.13
C TRP A 291 14.85 26.37 -7.84
N GLU A 292 15.90 25.72 -7.33
CA GLU A 292 15.77 24.93 -6.11
C GLU A 292 15.52 25.82 -4.89
N LYS A 293 16.04 27.06 -4.92
CA LYS A 293 15.82 27.97 -3.81
C LYS A 293 14.36 28.40 -3.73
N SER A 294 13.73 28.60 -4.89
CA SER A 294 12.32 29.01 -4.94
C SER A 294 11.37 27.87 -4.60
N PHE A 295 11.83 26.62 -4.66
CA PHE A 295 10.98 25.46 -4.35
C PHE A 295 11.25 24.85 -2.98
N SER A 296 12.41 25.12 -2.38
CA SER A 296 12.71 24.58 -1.06
C SER A 296 11.88 25.25 0.02
N ASN A 297 11.46 26.50 -0.22
CA ASN A 297 10.68 27.23 0.76
C ASN A 297 9.24 26.72 0.80
N LEU A 298 8.79 26.09 -0.29
CA LEU A 298 7.43 25.57 -0.33
C LEU A 298 7.28 24.35 0.58
N ILE A 299 8.25 23.43 0.53
CA ILE A 299 8.20 22.25 1.38
C ILE A 299 8.55 22.60 2.82
N THR A 300 9.46 23.56 3.01
CA THR A 300 9.82 23.97 4.37
C THR A 300 8.63 24.61 5.07
N ASN A 301 7.83 25.38 4.34
CA ASN A 301 6.64 26.00 4.92
C ASN A 301 5.60 24.95 5.30
N LEU A 302 5.46 23.92 4.47
CA LEU A 302 4.51 22.85 4.78
C LEU A 302 4.99 22.00 5.95
N ARG A 303 6.31 21.91 6.12
CA ARG A 303 6.90 21.17 7.24
C ARG A 303 7.09 22.13 8.41
N LYS A 304 6.02 22.85 8.75
CA LYS A 304 6.02 23.75 9.89
C LYS A 304 4.71 23.65 10.65
N LYS A 305 3.84 22.74 10.21
CA LYS A 305 2.54 22.54 10.86
C LYS A 305 2.24 21.08 11.21
N GLU A 306 2.92 20.10 10.61
CA GLU A 306 2.64 18.71 10.92
C GLU A 306 3.11 18.34 12.32
N ILE A 307 4.36 18.66 12.67
CA ILE A 307 4.87 18.32 13.99
C ILE A 307 4.18 19.18 15.05
N SER A 308 3.84 20.42 14.71
CA SER A 308 3.19 21.32 15.65
C SER A 308 1.79 20.86 16.00
N LYS A 309 1.19 20.04 15.12
CA LYS A 309 -0.15 19.52 15.38
C LYS A 309 -0.05 18.10 15.95
N ILE A 310 1.04 17.40 15.66
CA ILE A 310 1.34 16.12 16.26
C ILE A 310 1.60 16.24 17.75
N LEU A 311 2.40 17.24 18.15
CA LEU A 311 2.64 17.54 19.56
C LEU A 311 1.53 18.38 20.16
N ARG A 312 0.27 17.97 19.92
CA ARG A 312 -0.89 18.51 20.60
C ARG A 312 -1.82 17.34 20.87
N SER A 313 -1.37 16.15 20.47
CA SER A 313 -2.07 14.90 20.72
C SER A 313 -1.06 13.87 21.22
N SER A 314 0.23 14.15 21.03
CA SER A 314 1.28 13.31 21.59
C SER A 314 1.28 13.30 23.11
N CYS A 315 0.77 14.36 23.73
CA CYS A 315 0.63 14.43 25.18
C CYS A 315 -0.70 13.86 25.65
N LEU A 316 -1.79 14.15 24.94
CA LEU A 316 -3.10 13.61 25.28
C LEU A 316 -3.17 12.10 25.13
N ARG A 317 -2.36 11.50 24.25
CA ARG A 317 -2.29 10.06 24.12
C ARG A 317 -1.25 9.43 25.02
N GLY A 318 -0.25 10.20 25.46
CA GLY A 318 0.76 9.69 26.38
C GLY A 318 0.30 9.73 27.82
N MET A 319 -0.62 10.65 28.13
CA MET A 319 -1.18 10.74 29.48
C MET A 319 -2.14 9.59 29.77
N ASN A 320 -2.65 8.94 28.72
CA ASN A 320 -3.53 7.79 28.90
C ASN A 320 -2.82 6.53 29.34
N LEU A 321 -1.58 6.31 28.93
CA LEU A 321 -0.81 5.15 29.36
C LEU A 321 -0.18 5.34 30.73
N ALA A 322 -0.18 6.55 31.26
CA ALA A 322 0.34 6.83 32.60
C ALA A 322 -0.71 6.66 33.68
N SER A 323 -1.98 6.56 33.29
CA SER A 323 -3.08 6.36 34.23
C SER A 323 -3.43 4.89 34.42
N PHE A 324 -3.28 4.07 33.38
CA PHE A 324 -3.54 2.64 33.50
C PHE A 324 -2.61 1.96 34.50
N PHE A 325 -1.38 2.46 34.64
CA PHE A 325 -0.42 1.94 35.60
C PHE A 325 -0.57 2.54 36.99
N SER A 326 -1.08 3.77 37.09
CA SER A 326 -1.22 4.44 38.38
C SER A 326 -2.57 4.21 39.03
N ALA A 327 -3.56 3.68 38.28
CA ALA A 327 -4.87 3.42 38.86
C ALA A 327 -4.88 2.22 39.80
N SER A 328 -3.76 1.52 39.95
CA SER A 328 -3.67 0.37 40.84
C SER A 328 -3.35 0.75 42.28
N LYS A 329 -3.16 2.05 42.55
CA LYS A 329 -2.85 2.53 43.89
C LYS A 329 -3.81 3.62 44.34
N ILE A 330 -4.87 3.88 43.57
CA ILE A 330 -5.85 4.91 43.91
C ILE A 330 -7.08 4.24 44.48
N ILE A 331 -7.39 3.03 43.98
CA ILE A 331 -8.56 2.29 44.43
C ILE A 331 -8.25 1.63 45.76
N VAL A 332 -6.97 1.48 46.06
CA VAL A 332 -6.52 0.82 47.28
C VAL A 332 -6.34 1.86 48.39
N PHE A 333 -6.01 3.09 48.00
CA PHE A 333 -5.76 4.15 48.96
C PHE A 333 -7.05 4.68 49.55
N VAL A 334 -8.11 4.76 48.73
CA VAL A 334 -9.39 5.30 49.18
C VAL A 334 -10.17 4.34 50.06
N THR A 335 -10.20 3.06 49.72
CA THR A 335 -10.98 2.06 50.45
C THR A 335 -10.47 1.86 51.87
N PHE A 336 -9.22 2.23 52.16
CA PHE A 336 -8.68 2.02 53.49
C PHE A 336 -8.76 3.28 54.33
N THR A 337 -8.71 4.46 53.69
CA THR A 337 -8.76 5.71 54.44
C THR A 337 -10.16 6.01 54.95
N THR A 338 -11.17 5.30 54.45
CA THR A 338 -12.55 5.44 54.94
C THR A 338 -12.92 4.28 55.85
N TYR A 339 -11.99 3.34 56.03
CA TYR A 339 -12.21 2.20 56.90
C TYR A 339 -11.43 2.36 58.20
N VAL A 340 -10.25 2.99 58.11
CA VAL A 340 -9.45 3.22 59.31
C VAL A 340 -9.99 4.43 60.07
N LEU A 341 -10.58 5.39 59.35
CA LEU A 341 -11.13 6.57 59.99
C LEU A 341 -12.41 6.27 60.78
N LEU A 342 -13.18 5.26 60.36
CA LEU A 342 -14.39 4.92 61.07
C LEU A 342 -14.09 4.28 62.42
N GLY A 343 -12.94 3.59 62.53
CA GLY A 343 -12.55 2.97 63.77
C GLY A 343 -12.59 1.46 63.72
N SER A 344 -11.44 0.83 63.55
CA SER A 344 -11.33 -0.62 63.48
C SER A 344 -9.89 -1.02 63.68
N VAL A 345 -9.62 -2.31 63.46
CA VAL A 345 -8.26 -2.84 63.60
C VAL A 345 -7.73 -3.21 62.22
N ILE A 346 -6.43 -3.46 62.13
CA ILE A 346 -5.80 -3.82 60.86
C ILE A 346 -5.01 -5.11 61.03
N THR A 347 -5.39 -6.13 60.26
CA THR A 347 -4.70 -7.41 60.29
C THR A 347 -4.33 -7.81 58.86
N ALA A 348 -3.27 -8.61 58.76
CA ALA A 348 -2.79 -9.05 57.46
C ALA A 348 -3.70 -10.06 56.78
N SER A 349 -4.70 -10.58 57.49
CA SER A 349 -5.63 -11.56 56.92
C SER A 349 -6.78 -10.91 56.16
N ARG A 350 -6.84 -9.59 56.08
CA ARG A 350 -7.91 -8.88 55.39
C ARG A 350 -7.36 -7.77 54.52
N VAL A 351 -6.14 -7.96 54.02
CA VAL A 351 -5.48 -6.99 53.15
C VAL A 351 -5.17 -7.58 51.78
N PHE A 352 -4.38 -8.65 51.73
CA PHE A 352 -4.03 -9.27 50.47
C PHE A 352 -5.20 -10.04 49.85
N VAL A 353 -6.18 -10.43 50.65
CA VAL A 353 -7.39 -11.08 50.15
C VAL A 353 -8.23 -10.12 49.30
N ALA A 354 -8.05 -8.81 49.49
CA ALA A 354 -8.75 -7.81 48.70
C ALA A 354 -7.85 -7.07 47.71
N VAL A 355 -6.55 -6.95 48.00
CA VAL A 355 -5.62 -6.28 47.09
C VAL A 355 -5.49 -7.11 45.82
N THR A 356 -5.34 -8.43 45.97
CA THR A 356 -5.28 -9.31 44.81
C THR A 356 -6.60 -9.31 44.06
N LEU A 357 -7.71 -9.16 44.78
CA LEU A 357 -9.02 -9.09 44.14
C LEU A 357 -9.28 -7.75 43.47
N TYR A 358 -8.47 -6.73 43.78
CA TYR A 358 -8.61 -5.41 43.19
C TYR A 358 -8.09 -5.34 41.76
N GLY A 359 -7.58 -6.45 41.23
CA GLY A 359 -7.09 -6.48 39.87
C GLY A 359 -7.93 -7.35 38.96
N ALA A 360 -8.50 -8.42 39.51
CA ALA A 360 -9.31 -9.32 38.71
C ALA A 360 -10.63 -8.67 38.30
N VAL A 361 -11.16 -7.80 39.15
CA VAL A 361 -12.41 -7.11 38.85
C VAL A 361 -12.11 -5.84 38.07
N ARG A 362 -10.85 -5.40 38.11
CA ARG A 362 -10.41 -4.20 37.41
C ARG A 362 -10.09 -4.46 35.95
N LEU A 363 -9.31 -5.51 35.66
CA LEU A 363 -8.94 -5.84 34.29
C LEU A 363 -9.98 -6.77 33.67
N THR A 364 -11.24 -6.34 33.76
CA THR A 364 -12.34 -7.11 33.18
C THR A 364 -13.24 -6.20 32.37
N VAL A 365 -13.29 -4.92 32.73
CA VAL A 365 -14.16 -3.96 32.07
C VAL A 365 -13.35 -2.75 31.61
N THR A 366 -12.10 -2.65 32.08
CA THR A 366 -11.26 -1.52 31.74
C THR A 366 -10.50 -1.77 30.44
N LEU A 367 -10.08 -3.01 30.22
CA LEU A 367 -9.30 -3.34 29.04
C LEU A 367 -9.91 -4.55 28.32
N PHE A 368 -10.65 -5.38 29.06
CA PHE A 368 -11.24 -6.59 28.51
C PHE A 368 -12.68 -6.39 28.05
N PHE A 369 -13.30 -5.25 28.36
CA PHE A 369 -14.65 -5.03 27.84
C PHE A 369 -14.87 -3.63 27.25
N PRO A 370 -13.94 -3.06 26.46
CA PRO A 370 -14.35 -2.00 25.52
C PRO A 370 -14.62 -2.57 24.13
N SER A 371 -14.08 -3.76 23.87
CA SER A 371 -14.05 -4.32 22.53
C SER A 371 -15.38 -4.96 22.16
N ALA A 372 -16.12 -5.44 23.15
CA ALA A 372 -17.44 -6.01 22.90
C ALA A 372 -18.47 -4.91 22.75
N ILE A 373 -18.02 -3.66 22.83
CA ILE A 373 -18.90 -2.51 22.66
C ILE A 373 -18.48 -1.74 21.42
N GLU A 374 -17.18 -1.78 21.09
CA GLU A 374 -16.69 -1.00 19.96
C GLU A 374 -16.48 -1.82 18.69
N ARG A 375 -16.24 -3.13 18.82
CA ARG A 375 -15.97 -3.98 17.66
C ARG A 375 -17.21 -4.78 17.24
N VAL A 376 -18.40 -4.26 17.54
CA VAL A 376 -19.65 -4.88 17.14
C VAL A 376 -20.27 -4.19 15.93
N SER A 377 -20.33 -2.85 15.93
CA SER A 377 -20.87 -2.10 14.81
C SER A 377 -20.02 -2.23 13.55
N GLU A 378 -18.71 -2.36 13.70
CA GLU A 378 -17.83 -2.51 12.55
C GLU A 378 -18.08 -3.84 11.84
N ALA A 379 -18.52 -4.84 12.60
CA ALA A 379 -18.81 -6.17 12.05
C ALA A 379 -20.29 -6.34 11.69
N ILE A 380 -21.06 -5.25 11.70
CA ILE A 380 -22.47 -5.30 11.36
C ILE A 380 -22.76 -4.27 10.27
N VAL A 381 -21.86 -3.31 10.10
CA VAL A 381 -22.00 -2.30 9.05
C VAL A 381 -21.68 -2.88 7.68
N SER A 382 -20.90 -3.97 7.63
CA SER A 382 -20.58 -4.60 6.35
C SER A 382 -21.66 -5.59 5.95
N ILE A 383 -22.41 -6.11 6.93
CA ILE A 383 -23.48 -7.05 6.64
C ILE A 383 -24.67 -6.35 6.01
N ARG A 384 -24.89 -5.08 6.30
CA ARG A 384 -26.02 -4.32 5.75
C ARG A 384 -25.60 -3.70 4.41
N ARG A 385 -24.42 -4.10 3.95
CA ARG A 385 -23.90 -3.64 2.66
C ARG A 385 -23.75 -4.81 1.71
N ILE A 386 -23.16 -5.91 2.19
CA ILE A 386 -23.02 -7.11 1.36
C ILE A 386 -24.40 -7.67 1.00
N GLN A 387 -25.35 -7.60 1.92
CA GLN A 387 -26.70 -8.07 1.64
C GLN A 387 -27.34 -7.27 0.52
N THR A 388 -27.18 -5.94 0.55
CA THR A 388 -27.75 -5.10 -0.49
C THR A 388 -27.01 -5.30 -1.82
N PHE A 389 -25.71 -5.59 -1.75
CA PHE A 389 -24.94 -5.81 -2.97
C PHE A 389 -25.33 -7.13 -3.64
N LEU A 390 -25.60 -8.17 -2.85
CA LEU A 390 -25.95 -9.47 -3.42
C LEU A 390 -27.42 -9.52 -3.81
N LEU A 391 -28.21 -8.53 -3.40
CA LEU A 391 -29.63 -8.53 -3.71
C LEU A 391 -29.97 -7.46 -4.73
N LEU A 392 -29.00 -7.06 -5.54
CA LEU A 392 -29.21 -6.03 -6.54
C LEU A 392 -30.24 -6.47 -7.58
N ASP A 393 -29.90 -7.49 -8.36
CA ASP A 393 -30.77 -8.02 -9.40
C ASP A 393 -30.10 -9.26 -10.00
N GLU A 394 -30.82 -9.96 -10.87
CA GLU A 394 -30.28 -11.12 -11.58
C GLU A 394 -30.71 -11.01 -13.04
N ILE A 395 -30.24 -11.96 -13.86
CA ILE A 395 -30.59 -11.96 -15.27
C ILE A 395 -31.66 -13.01 -15.55
N SER A 396 -32.39 -12.81 -16.64
CA SER A 396 -33.47 -13.73 -17.04
C SER A 396 -32.84 -14.95 -17.70
N GLN A 397 -33.32 -16.12 -17.30
CA GLN A 397 -32.82 -17.38 -17.83
C GLN A 397 -33.22 -17.54 -19.30
N ARG A 398 -32.24 -17.89 -20.12
CA ARG A 398 -32.46 -18.06 -21.55
C ARG A 398 -31.60 -19.21 -22.05
N ASN A 399 -31.94 -19.72 -23.23
CA ASN A 399 -31.20 -20.83 -23.82
C ASN A 399 -29.84 -20.37 -24.34
N ASP A 405 -33.49 -27.57 -36.99
CA ASP A 405 -33.55 -28.48 -38.12
C ASP A 405 -32.15 -28.98 -38.51
N GLY A 406 -31.18 -28.70 -37.64
CA GLY A 406 -29.81 -29.12 -37.88
C GLY A 406 -29.01 -28.22 -38.80
N LYS A 407 -29.65 -27.31 -39.53
CA LYS A 407 -28.94 -26.41 -40.42
C LYS A 407 -28.35 -25.25 -39.62
N LYS A 408 -27.03 -25.13 -39.64
CA LYS A 408 -26.36 -24.05 -38.92
C LYS A 408 -26.48 -22.75 -39.71
N MET A 409 -27.16 -21.78 -39.13
CA MET A 409 -27.36 -20.48 -39.78
C MET A 409 -27.75 -19.46 -38.74
N VAL A 410 -27.43 -18.19 -39.03
CA VAL A 410 -27.76 -17.07 -38.17
C VAL A 410 -28.82 -16.24 -38.89
N HIS A 411 -30.03 -16.21 -38.33
CA HIS A 411 -31.16 -15.52 -38.93
C HIS A 411 -31.54 -14.33 -38.06
N VAL A 412 -31.53 -13.14 -38.65
CA VAL A 412 -31.92 -11.90 -37.97
C VAL A 412 -33.05 -11.27 -38.77
N GLN A 413 -34.17 -11.01 -38.11
CA GLN A 413 -35.36 -10.46 -38.77
C GLN A 413 -35.94 -9.34 -37.92
N ASP A 414 -35.78 -8.11 -38.39
CA ASP A 414 -36.35 -6.92 -37.75
C ASP A 414 -35.90 -6.81 -36.30
N PHE A 415 -34.59 -6.80 -36.07
CA PHE A 415 -34.07 -6.69 -34.71
C PHE A 415 -34.05 -5.23 -34.27
N THR A 416 -34.58 -4.97 -33.07
CA THR A 416 -34.61 -3.64 -32.49
C THR A 416 -34.42 -3.75 -30.98
N ALA A 417 -33.35 -3.16 -30.47
CA ALA A 417 -33.05 -3.24 -29.05
C ALA A 417 -32.53 -1.89 -28.57
N PHE A 418 -32.43 -1.74 -27.25
CA PHE A 418 -31.97 -0.52 -26.62
C PHE A 418 -30.83 -0.85 -25.65
N TRP A 419 -29.78 -0.03 -25.67
CA TRP A 419 -28.73 -0.17 -24.67
C TRP A 419 -29.22 0.22 -23.28
N ASP A 420 -29.95 1.33 -23.20
CA ASP A 420 -30.56 1.80 -21.95
C ASP A 420 -31.97 2.27 -22.26
N LYS A 421 -32.87 2.12 -21.30
CA LYS A 421 -34.26 2.52 -21.50
C LYS A 421 -34.41 4.04 -21.55
N ALA A 422 -33.46 4.79 -21.00
CA ALA A 422 -33.53 6.25 -21.01
C ALA A 422 -33.30 6.85 -22.40
N SER A 423 -32.70 6.10 -23.32
CA SER A 423 -32.45 6.62 -24.65
C SER A 423 -33.72 6.60 -25.48
N GLU A 424 -34.02 7.73 -26.13
CA GLU A 424 -35.22 7.81 -26.94
C GLU A 424 -35.01 7.19 -28.32
N THR A 425 -33.80 7.29 -28.87
CA THR A 425 -33.50 6.74 -30.18
C THR A 425 -32.82 5.39 -30.04
N PRO A 426 -33.36 4.34 -30.63
CA PRO A 426 -32.73 3.01 -30.51
C PRO A 426 -31.44 2.95 -31.32
N THR A 427 -30.48 2.17 -30.83
CA THR A 427 -29.21 2.03 -31.52
C THR A 427 -29.36 1.18 -32.77
N LEU A 428 -30.33 0.26 -32.77
CA LEU A 428 -30.63 -0.56 -33.93
C LEU A 428 -32.09 -0.38 -34.31
N GLN A 429 -32.33 -0.10 -35.59
CA GLN A 429 -33.67 0.20 -36.08
C GLN A 429 -33.98 -0.71 -37.26
N GLY A 430 -34.62 -1.84 -36.98
CA GLY A 430 -35.05 -2.72 -38.06
C GLY A 430 -33.92 -3.35 -38.83
N LEU A 431 -33.07 -4.13 -38.17
CA LEU A 431 -32.00 -4.85 -38.84
C LEU A 431 -32.46 -6.25 -39.21
N SER A 432 -32.32 -6.60 -40.49
CA SER A 432 -32.75 -7.89 -41.01
C SER A 432 -31.70 -8.39 -41.99
N PHE A 433 -31.02 -9.48 -41.63
CA PHE A 433 -30.02 -10.08 -42.49
C PHE A 433 -29.84 -11.55 -42.12
N THR A 434 -29.55 -12.35 -43.13
CA THR A 434 -29.35 -13.79 -42.96
C THR A 434 -28.06 -14.20 -43.65
N VAL A 435 -27.23 -14.95 -42.92
CA VAL A 435 -25.94 -15.41 -43.41
C VAL A 435 -25.98 -16.93 -43.51
N ARG A 436 -25.07 -17.49 -44.29
CA ARG A 436 -24.95 -18.93 -44.51
C ARG A 436 -23.51 -19.38 -44.35
N PRO A 437 -23.28 -20.66 -44.04
CA PRO A 437 -21.90 -21.15 -43.93
C PRO A 437 -21.14 -21.01 -45.25
N GLY A 438 -20.00 -20.32 -45.18
CA GLY A 438 -19.18 -20.08 -46.34
C GLY A 438 -19.25 -18.69 -46.91
N GLU A 439 -20.09 -17.82 -46.37
CA GLU A 439 -20.23 -16.46 -46.85
C GLU A 439 -19.47 -15.50 -45.92
N LEU A 440 -18.83 -14.49 -46.51
CA LEU A 440 -18.06 -13.51 -45.77
C LEU A 440 -18.86 -12.21 -45.72
N LEU A 441 -19.44 -11.91 -44.56
CA LEU A 441 -20.24 -10.71 -44.37
C LEU A 441 -19.34 -9.58 -43.89
N ALA A 442 -19.15 -8.57 -44.72
CA ALA A 442 -18.34 -7.41 -44.38
C ALA A 442 -19.21 -6.35 -43.71
N VAL A 443 -18.81 -5.93 -42.51
CA VAL A 443 -19.53 -4.92 -41.74
C VAL A 443 -18.68 -3.67 -41.71
N VAL A 444 -19.18 -2.61 -42.36
CA VAL A 444 -18.48 -1.33 -42.42
C VAL A 444 -19.45 -0.23 -42.02
N GLY A 445 -18.91 0.89 -41.56
CA GLY A 445 -19.71 2.02 -41.15
C GLY A 445 -18.90 3.03 -40.37
N PRO A 446 -19.50 4.20 -40.11
CA PRO A 446 -18.80 5.22 -39.33
C PRO A 446 -18.64 4.81 -37.87
N VAL A 447 -17.83 5.59 -37.15
CA VAL A 447 -17.59 5.32 -35.74
C VAL A 447 -18.86 5.60 -34.95
N GLY A 448 -19.40 4.56 -34.31
CA GLY A 448 -20.61 4.68 -33.54
C GLY A 448 -21.88 4.30 -34.27
N ALA A 449 -21.77 3.66 -35.44
CA ALA A 449 -22.96 3.26 -36.19
C ALA A 449 -23.71 2.10 -35.56
N GLY A 450 -23.02 1.26 -34.78
CA GLY A 450 -23.66 0.14 -34.12
C GLY A 450 -23.18 -1.23 -34.56
N LYS A 451 -21.91 -1.36 -34.97
CA LYS A 451 -21.40 -2.66 -35.40
C LYS A 451 -21.12 -3.57 -34.20
N SER A 452 -20.38 -3.04 -33.21
CA SER A 452 -20.09 -3.83 -32.01
C SER A 452 -21.36 -4.21 -31.28
N SER A 453 -22.34 -3.30 -31.20
CA SER A 453 -23.61 -3.64 -30.59
C SER A 453 -24.32 -4.73 -31.38
N LEU A 454 -24.18 -4.71 -32.71
CA LEU A 454 -24.77 -5.76 -33.53
C LEU A 454 -24.13 -7.12 -33.22
N LEU A 455 -22.80 -7.16 -33.12
CA LEU A 455 -22.13 -8.40 -32.76
C LEU A 455 -22.55 -8.89 -31.38
N SER A 456 -22.69 -7.96 -30.43
CA SER A 456 -23.13 -8.35 -29.09
C SER A 456 -24.55 -8.88 -29.11
N ALA A 457 -25.40 -8.32 -29.99
CA ALA A 457 -26.76 -8.84 -30.13
C ALA A 457 -26.75 -10.24 -30.74
N VAL A 458 -25.86 -10.49 -31.70
CA VAL A 458 -25.71 -11.84 -32.22
C VAL A 458 -25.25 -12.79 -31.13
N LEU A 459 -24.37 -12.33 -30.24
CA LEU A 459 -23.99 -13.14 -29.09
C LEU A 459 -25.11 -13.27 -28.06
N GLY A 460 -26.13 -12.43 -28.14
CA GLY A 460 -27.22 -12.49 -27.19
C GLY A 460 -27.01 -11.68 -25.93
N GLU A 461 -25.97 -10.84 -25.88
CA GLU A 461 -25.71 -10.03 -24.71
C GLU A 461 -26.65 -8.84 -24.61
N LEU A 462 -27.31 -8.48 -25.71
CA LEU A 462 -28.24 -7.34 -25.74
C LEU A 462 -29.67 -7.88 -25.65
N ALA A 463 -30.44 -7.32 -24.74
CA ALA A 463 -31.82 -7.75 -24.57
C ALA A 463 -32.67 -7.30 -25.76
N PRO A 464 -33.30 -8.23 -26.47
CA PRO A 464 -34.11 -7.84 -27.63
C PRO A 464 -35.48 -7.32 -27.21
N SER A 465 -35.87 -6.19 -27.78
CA SER A 465 -37.19 -5.62 -27.53
C SER A 465 -38.17 -5.92 -28.65
N HIS A 466 -37.68 -6.06 -29.88
CA HIS A 466 -38.51 -6.38 -31.03
C HIS A 466 -37.70 -7.24 -31.98
N GLY A 467 -38.37 -8.26 -32.53
CA GLY A 467 -37.72 -9.19 -33.43
C GLY A 467 -37.23 -10.44 -32.71
N LEU A 468 -36.67 -11.36 -33.50
CA LEU A 468 -36.17 -12.62 -33.01
C LEU A 468 -34.92 -13.01 -33.77
N VAL A 469 -33.93 -13.51 -33.04
CA VAL A 469 -32.66 -13.97 -33.61
C VAL A 469 -32.52 -15.45 -33.31
N SER A 470 -31.83 -16.17 -34.19
CA SER A 470 -31.62 -17.61 -34.05
C SER A 470 -30.17 -17.94 -34.38
N VAL A 471 -29.50 -18.64 -33.48
CA VAL A 471 -28.12 -19.07 -33.66
C VAL A 471 -28.09 -20.58 -33.46
N HIS A 472 -27.29 -21.27 -34.28
CA HIS A 472 -27.17 -22.72 -34.23
C HIS A 472 -25.69 -23.09 -34.42
N GLY A 473 -25.01 -23.32 -33.32
CA GLY A 473 -23.61 -23.69 -33.35
C GLY A 473 -22.81 -22.88 -32.37
N ARG A 474 -21.55 -23.31 -32.19
CA ARG A 474 -20.64 -22.62 -31.28
C ARG A 474 -20.20 -21.29 -31.88
N ILE A 475 -20.17 -20.26 -31.04
CA ILE A 475 -19.81 -18.91 -31.47
C ILE A 475 -18.46 -18.55 -30.88
N ALA A 476 -17.56 -18.05 -31.72
CA ALA A 476 -16.25 -17.59 -31.32
C ALA A 476 -16.15 -16.09 -31.57
N TYR A 477 -16.04 -15.32 -30.49
CA TYR A 477 -16.05 -13.86 -30.56
C TYR A 477 -14.75 -13.29 -30.01
N VAL A 478 -14.27 -12.23 -30.66
CA VAL A 478 -13.11 -11.48 -30.18
C VAL A 478 -13.54 -10.03 -30.07
N SER A 479 -13.14 -9.37 -28.98
CA SER A 479 -13.56 -8.01 -28.72
C SER A 479 -12.60 -7.02 -29.36
N GLN A 480 -13.03 -5.74 -29.40
CA GLN A 480 -12.17 -4.69 -29.92
C GLN A 480 -10.95 -4.49 -29.03
N GLN A 481 -11.16 -4.47 -27.72
CA GLN A 481 -10.04 -4.39 -26.77
C GLN A 481 -9.52 -5.79 -26.54
N PRO A 482 -8.23 -6.07 -26.79
CA PRO A 482 -7.71 -7.43 -26.64
C PRO A 482 -7.76 -7.87 -25.18
N TRP A 483 -8.60 -8.87 -24.91
CA TRP A 483 -8.73 -9.43 -23.56
C TRP A 483 -7.78 -10.61 -23.41
N VAL A 484 -7.13 -10.69 -22.25
CA VAL A 484 -6.18 -11.75 -21.97
C VAL A 484 -6.16 -12.00 -20.47
N PHE A 485 -5.97 -13.26 -20.07
CA PHE A 485 -5.88 -13.64 -18.67
C PHE A 485 -4.46 -14.06 -18.32
N SER A 486 -4.24 -14.28 -17.03
CA SER A 486 -2.92 -14.68 -16.56
C SER A 486 -2.60 -16.10 -17.01
N GLY A 487 -1.44 -16.29 -17.62
CA GLY A 487 -1.02 -17.59 -18.10
C GLY A 487 -0.06 -17.53 -19.28
N THR A 488 0.34 -18.69 -19.77
CA THR A 488 1.27 -18.74 -20.89
C THR A 488 0.54 -18.52 -22.21
N LEU A 489 1.31 -18.42 -23.29
CA LEU A 489 0.72 -18.24 -24.61
C LEU A 489 -0.03 -19.49 -25.06
N ARG A 490 0.55 -20.67 -24.80
CA ARG A 490 -0.11 -21.91 -25.17
C ARG A 490 -1.41 -22.10 -24.39
N SER A 491 -1.38 -21.80 -23.09
CA SER A 491 -2.59 -21.91 -22.28
C SER A 491 -3.63 -20.89 -22.70
N ASN A 492 -3.19 -19.73 -23.19
CA ASN A 492 -4.13 -18.72 -23.65
C ASN A 492 -4.77 -19.12 -24.96
N ILE A 493 -4.00 -19.76 -25.84
CA ILE A 493 -4.53 -20.18 -27.13
C ILE A 493 -5.45 -21.39 -26.97
N LEU A 494 -5.09 -22.32 -26.09
CA LEU A 494 -5.91 -23.52 -25.89
C LEU A 494 -7.26 -23.17 -25.28
N PHE A 495 -7.26 -22.41 -24.19
CA PHE A 495 -8.48 -22.00 -23.49
C PHE A 495 -9.31 -23.22 -23.08
N GLY A 496 -8.62 -24.22 -22.53
CA GLY A 496 -9.26 -25.43 -22.08
C GLY A 496 -9.25 -26.58 -23.06
N LYS A 497 -8.96 -26.32 -24.33
CA LYS A 497 -8.96 -27.39 -25.33
C LYS A 497 -7.68 -28.21 -25.23
N LYS A 498 -7.72 -29.40 -25.84
CA LYS A 498 -6.56 -30.27 -25.83
C LYS A 498 -5.49 -29.77 -26.79
N TYR A 499 -4.23 -30.12 -26.48
CA TYR A 499 -3.10 -29.65 -27.27
C TYR A 499 -2.84 -30.59 -28.44
N GLU A 500 -2.96 -30.08 -29.65
CA GLU A 500 -2.65 -30.82 -30.87
C GLU A 500 -1.50 -30.11 -31.57
N LYS A 501 -0.40 -30.83 -31.78
CA LYS A 501 0.80 -30.22 -32.34
C LYS A 501 0.55 -29.72 -33.77
N GLU A 502 -0.07 -30.56 -34.60
CA GLU A 502 -0.30 -30.17 -35.99
C GLU A 502 -1.28 -29.01 -36.08
N ARG A 503 -2.38 -29.07 -35.33
CA ARG A 503 -3.36 -27.99 -35.35
C ARG A 503 -2.78 -26.70 -34.81
N TYR A 504 -2.01 -26.78 -33.73
CA TYR A 504 -1.38 -25.59 -33.16
C TYR A 504 -0.40 -24.97 -34.15
N GLU A 505 0.41 -25.80 -34.81
CA GLU A 505 1.34 -25.29 -35.80
C GLU A 505 0.61 -24.66 -36.98
N LYS A 506 -0.52 -25.26 -37.39
CA LYS A 506 -1.30 -24.70 -38.49
C LYS A 506 -1.86 -23.33 -38.12
N VAL A 507 -2.40 -23.19 -36.91
CA VAL A 507 -2.92 -21.90 -36.47
C VAL A 507 -1.81 -20.87 -36.36
N ILE A 508 -0.63 -21.29 -35.86
CA ILE A 508 0.49 -20.36 -35.72
C ILE A 508 0.96 -19.89 -37.10
N LYS A 509 0.96 -20.78 -38.08
CA LYS A 509 1.40 -20.41 -39.42
C LYS A 509 0.36 -19.54 -40.12
N ALA A 510 -0.92 -19.83 -39.90
CA ALA A 510 -1.97 -19.06 -40.58
C ALA A 510 -2.15 -17.68 -39.95
N CYS A 511 -1.85 -17.54 -38.66
CA CYS A 511 -1.98 -16.27 -37.97
C CYS A 511 -0.63 -15.57 -37.79
N ALA A 512 0.46 -16.18 -38.26
CA ALA A 512 1.79 -15.58 -38.29
C ALA A 512 2.30 -15.23 -36.89
N LEU A 513 2.50 -16.25 -36.04
CA LEU A 513 3.13 -16.05 -34.75
C LEU A 513 4.58 -16.53 -34.73
N LYS A 514 5.16 -16.85 -35.87
CA LYS A 514 6.51 -17.40 -35.90
C LYS A 514 7.54 -16.35 -35.48
N LYS A 515 7.41 -15.12 -35.98
CA LYS A 515 8.34 -14.07 -35.61
C LYS A 515 8.21 -13.72 -34.13
N ASP A 516 6.99 -13.75 -33.59
CA ASP A 516 6.79 -13.39 -32.20
C ASP A 516 7.37 -14.45 -31.27
N LEU A 517 7.25 -15.73 -31.65
CA LEU A 517 7.83 -16.78 -30.82
C LEU A 517 9.34 -16.86 -30.98
N GLN A 518 9.85 -16.49 -32.16
CA GLN A 518 11.29 -16.45 -32.38
C GLN A 518 11.96 -15.29 -31.65
N LEU A 519 11.31 -14.14 -31.56
CA LEU A 519 11.84 -13.01 -30.83
C LEU A 519 11.82 -13.23 -29.32
N LEU A 520 10.82 -13.96 -28.81
CA LEU A 520 10.70 -14.21 -27.39
C LEU A 520 11.61 -15.37 -27.01
N GLU A 521 12.14 -15.34 -25.79
CA GLU A 521 13.15 -16.31 -25.38
C GLU A 521 12.57 -17.70 -25.23
N ASP A 522 11.62 -17.87 -24.30
CA ASP A 522 11.08 -19.18 -23.96
C ASP A 522 9.94 -19.61 -24.86
N GLY A 523 9.66 -18.86 -25.93
CA GLY A 523 8.60 -19.23 -26.85
C GLY A 523 7.21 -18.98 -26.32
N ASP A 524 6.35 -20.01 -26.38
CA ASP A 524 4.97 -19.89 -25.94
C ASP A 524 4.76 -20.34 -24.50
N LEU A 525 5.82 -20.64 -23.76
CA LEU A 525 5.70 -21.11 -22.38
C LEU A 525 5.93 -20.02 -21.36
N THR A 526 6.05 -18.75 -21.78
CA THR A 526 6.26 -17.66 -20.84
C THR A 526 4.94 -17.16 -20.28
N VAL A 527 4.87 -17.07 -18.95
CA VAL A 527 3.66 -16.60 -18.28
C VAL A 527 3.47 -15.12 -18.60
N ILE A 528 2.22 -14.68 -18.68
CA ILE A 528 1.89 -13.31 -19.00
C ILE A 528 1.07 -12.72 -17.86
N GLY A 529 1.43 -11.51 -17.44
CA GLY A 529 0.72 -10.84 -16.37
C GLY A 529 -0.62 -10.27 -16.83
N ASP A 530 -1.13 -9.34 -16.02
CA ASP A 530 -2.40 -8.72 -16.31
C ASP A 530 -2.28 -7.76 -17.48
N ARG A 531 -3.26 -7.82 -18.39
CA ARG A 531 -3.40 -6.98 -19.58
C ARG A 531 -2.39 -7.32 -20.66
N GLY A 532 -1.39 -8.16 -20.36
CA GLY A 532 -0.36 -8.44 -21.35
C GLY A 532 0.51 -7.25 -21.66
N THR A 533 1.17 -6.68 -20.63
CA THR A 533 2.00 -5.50 -20.83
C THR A 533 3.25 -5.81 -21.65
N THR A 534 3.82 -6.99 -21.48
CA THR A 534 5.05 -7.35 -22.19
C THR A 534 4.85 -7.38 -23.70
N LEU A 535 3.69 -7.83 -24.17
CA LEU A 535 3.40 -7.92 -25.60
C LEU A 535 2.61 -6.69 -26.04
N SER A 536 2.83 -6.28 -27.29
CA SER A 536 2.13 -5.12 -27.82
C SER A 536 0.66 -5.45 -28.09
N GLY A 537 -0.13 -4.39 -28.30
CA GLY A 537 -1.54 -4.58 -28.55
C GLY A 537 -1.82 -5.38 -29.81
N GLY A 538 -1.01 -5.18 -30.85
CA GLY A 538 -1.16 -5.96 -32.06
C GLY A 538 -0.91 -7.45 -31.83
N GLN A 539 0.11 -7.77 -31.04
CA GLN A 539 0.39 -9.17 -30.73
C GLN A 539 -0.73 -9.77 -29.87
N LYS A 540 -1.32 -8.96 -28.97
CA LYS A 540 -2.44 -9.44 -28.18
C LYS A 540 -3.65 -9.73 -29.06
N ALA A 541 -3.94 -8.84 -30.01
CA ALA A 541 -5.03 -9.08 -30.95
C ALA A 541 -4.76 -10.32 -31.79
N ARG A 542 -3.50 -10.51 -32.19
CA ARG A 542 -3.15 -11.67 -33.00
C ARG A 542 -3.35 -12.97 -32.23
N VAL A 543 -2.87 -13.02 -30.98
CA VAL A 543 -3.02 -14.24 -30.20
C VAL A 543 -4.49 -14.47 -29.83
N ASN A 544 -5.26 -13.39 -29.67
CA ASN A 544 -6.69 -13.55 -29.43
C ASN A 544 -7.40 -14.14 -30.64
N LEU A 545 -7.08 -13.65 -31.84
CA LEU A 545 -7.65 -14.22 -33.05
C LEU A 545 -7.22 -15.67 -33.22
N ALA A 546 -5.97 -15.99 -32.89
CA ALA A 546 -5.50 -17.36 -32.99
C ALA A 546 -6.23 -18.28 -32.02
N ARG A 547 -6.48 -17.81 -30.80
CA ARG A 547 -7.25 -18.60 -29.84
C ARG A 547 -8.69 -18.76 -30.31
N ALA A 548 -9.25 -17.73 -30.93
CA ALA A 548 -10.63 -17.80 -31.40
C ALA A 548 -10.77 -18.81 -32.54
N VAL A 549 -9.82 -18.80 -33.48
CA VAL A 549 -9.92 -19.72 -34.61
C VAL A 549 -9.52 -21.13 -34.20
N TYR A 550 -8.73 -21.24 -33.12
CA TYR A 550 -8.33 -22.55 -32.63
C TYR A 550 -9.49 -23.34 -32.03
N GLN A 551 -10.53 -22.65 -31.55
CA GLN A 551 -11.66 -23.33 -30.95
C GLN A 551 -12.46 -24.15 -31.96
N ASP A 552 -12.31 -23.86 -33.26
CA ASP A 552 -13.01 -24.57 -34.32
C ASP A 552 -14.52 -24.48 -34.13
N ALA A 553 -14.98 -23.25 -33.93
CA ALA A 553 -16.40 -22.99 -33.72
C ALA A 553 -17.13 -22.87 -35.06
N ASP A 554 -18.43 -22.61 -34.97
CA ASP A 554 -19.26 -22.48 -36.16
C ASP A 554 -19.50 -21.03 -36.57
N ILE A 555 -19.66 -20.13 -35.60
CA ILE A 555 -19.92 -18.71 -35.86
C ILE A 555 -18.72 -17.92 -35.36
N TYR A 556 -18.24 -16.99 -36.18
CA TYR A 556 -17.09 -16.16 -35.85
C TYR A 556 -17.46 -14.70 -36.01
N LEU A 557 -17.28 -13.92 -34.93
CA LEU A 557 -17.55 -12.49 -34.93
C LEU A 557 -16.25 -11.76 -34.61
N LEU A 558 -15.78 -10.96 -35.56
CA LEU A 558 -14.52 -10.23 -35.44
C LEU A 558 -14.82 -8.75 -35.21
N ASP A 559 -14.39 -8.23 -34.07
CA ASP A 559 -14.60 -6.82 -33.72
C ASP A 559 -13.28 -6.09 -33.88
N ASP A 560 -13.00 -5.66 -35.12
CA ASP A 560 -11.79 -4.92 -35.46
C ASP A 560 -10.51 -5.61 -34.97
N PRO A 561 -10.18 -6.79 -35.52
CA PRO A 561 -8.94 -7.46 -35.10
C PRO A 561 -7.75 -7.17 -36.01
N LEU A 562 -7.91 -6.36 -37.05
CA LEU A 562 -6.86 -6.11 -38.01
C LEU A 562 -6.36 -4.67 -38.01
N SER A 563 -6.99 -3.79 -37.22
CA SER A 563 -6.60 -2.38 -37.24
C SER A 563 -5.46 -2.08 -36.28
N ALA A 564 -5.11 -3.02 -35.41
CA ALA A 564 -4.05 -2.82 -34.42
C ALA A 564 -2.66 -3.05 -34.99
N VAL A 565 -2.55 -3.43 -36.26
CA VAL A 565 -1.25 -3.70 -36.89
C VAL A 565 -1.15 -2.89 -38.18
N ASP A 566 0.04 -2.91 -38.78
CA ASP A 566 0.27 -2.14 -40.00
C ASP A 566 -0.35 -2.86 -41.21
N ALA A 567 -0.10 -2.31 -42.39
CA ALA A 567 -0.77 -2.78 -43.60
C ALA A 567 -0.28 -4.15 -44.03
N GLU A 568 1.04 -4.36 -44.09
CA GLU A 568 1.57 -5.60 -44.64
C GLU A 568 1.16 -6.80 -43.81
N VAL A 569 1.37 -6.75 -42.50
CA VAL A 569 1.05 -7.88 -41.65
C VAL A 569 -0.47 -8.11 -41.60
N SER A 570 -1.25 -7.04 -41.68
CA SER A 570 -2.70 -7.20 -41.69
C SER A 570 -3.17 -7.91 -42.95
N ARG A 571 -2.64 -7.51 -44.11
CA ARG A 571 -2.95 -8.22 -45.35
C ARG A 571 -2.50 -9.68 -45.27
N HIS A 572 -1.34 -9.92 -44.63
CA HIS A 572 -0.85 -11.27 -44.45
C HIS A 572 -1.86 -12.12 -43.67
N LEU A 573 -2.22 -11.66 -42.48
CA LEU A 573 -3.18 -12.40 -41.66
C LEU A 573 -4.51 -12.59 -42.37
N PHE A 574 -4.99 -11.54 -43.04
CA PHE A 574 -6.26 -11.65 -43.76
C PHE A 574 -6.20 -12.74 -44.82
N GLU A 575 -5.23 -12.64 -45.74
CA GLU A 575 -5.19 -13.53 -46.89
C GLU A 575 -4.80 -14.94 -46.49
N LEU A 576 -4.21 -15.12 -45.30
CA LEU A 576 -3.83 -16.47 -44.90
C LEU A 576 -4.75 -17.09 -43.87
N CYS A 577 -5.66 -16.33 -43.28
CA CYS A 577 -6.58 -16.89 -42.28
C CYS A 577 -8.04 -16.76 -42.74
N ILE A 578 -8.47 -15.53 -43.07
CA ILE A 578 -9.89 -15.31 -43.35
C ILE A 578 -10.26 -15.90 -44.70
N CYS A 579 -9.40 -15.75 -45.71
CA CYS A 579 -9.71 -16.25 -47.03
C CYS A 579 -9.53 -17.76 -47.13
N GLN A 580 -8.65 -18.35 -46.31
CA GLN A 580 -8.30 -19.75 -46.43
C GLN A 580 -8.91 -20.61 -45.32
N ILE A 581 -8.68 -20.24 -44.05
CA ILE A 581 -9.07 -21.11 -42.95
C ILE A 581 -10.59 -21.09 -42.76
N LEU A 582 -11.18 -19.90 -42.64
CA LEU A 582 -12.61 -19.77 -42.40
C LEU A 582 -13.43 -19.62 -43.67
N HIS A 583 -12.97 -20.21 -44.78
CA HIS A 583 -13.74 -20.14 -46.03
C HIS A 583 -15.00 -20.98 -45.97
N GLU A 584 -15.11 -21.86 -44.98
CA GLU A 584 -16.26 -22.74 -44.83
C GLU A 584 -17.11 -22.43 -43.60
N LYS A 585 -16.67 -21.54 -42.74
CA LYS A 585 -17.39 -21.19 -41.53
C LYS A 585 -18.10 -19.85 -41.68
N ILE A 586 -19.02 -19.58 -40.77
CA ILE A 586 -19.76 -18.32 -40.75
C ILE A 586 -18.85 -17.25 -40.17
N THR A 587 -18.52 -16.24 -40.98
CA THR A 587 -17.62 -15.17 -40.58
C THR A 587 -18.33 -13.84 -40.73
N ILE A 588 -18.42 -13.09 -39.62
CA ILE A 588 -18.95 -11.74 -39.62
C ILE A 588 -17.86 -10.84 -39.05
N LEU A 589 -17.06 -10.26 -39.93
CA LEU A 589 -15.89 -9.47 -39.55
C LEU A 589 -16.24 -7.99 -39.66
N VAL A 590 -15.65 -7.19 -38.78
CA VAL A 590 -15.86 -5.74 -38.81
C VAL A 590 -14.51 -5.05 -39.03
N THR A 591 -14.38 -4.35 -40.15
CA THR A 591 -13.14 -3.67 -40.48
C THR A 591 -13.45 -2.28 -41.01
N HIS A 592 -12.56 -1.33 -40.72
CA HIS A 592 -12.68 0.03 -41.21
C HIS A 592 -11.90 0.28 -42.49
N GLN A 593 -11.13 -0.70 -42.96
CA GLN A 593 -10.34 -0.57 -44.19
C GLN A 593 -11.17 -1.11 -45.34
N LEU A 594 -11.28 -0.31 -46.40
CA LEU A 594 -12.06 -0.72 -47.57
C LEU A 594 -11.24 -1.57 -48.54
N GLN A 595 -9.96 -1.80 -48.22
CA GLN A 595 -9.12 -2.59 -49.12
C GLN A 595 -9.46 -4.07 -49.05
N TYR A 596 -10.02 -4.53 -47.92
CA TYR A 596 -10.38 -5.93 -47.75
C TYR A 596 -11.82 -6.22 -48.13
N LEU A 597 -12.56 -5.24 -48.66
CA LEU A 597 -13.95 -5.48 -49.03
C LEU A 597 -14.08 -6.15 -50.40
N LYS A 598 -12.99 -6.21 -51.17
CA LYS A 598 -13.07 -6.83 -52.49
C LYS A 598 -13.17 -8.34 -52.39
N ALA A 599 -12.60 -8.94 -51.33
CA ALA A 599 -12.64 -10.39 -51.14
C ALA A 599 -13.84 -10.84 -50.32
N ALA A 600 -14.65 -9.91 -49.81
CA ALA A 600 -15.82 -10.26 -49.02
C ALA A 600 -16.99 -10.63 -49.93
N SER A 601 -17.75 -11.65 -49.52
CA SER A 601 -18.88 -12.09 -50.33
C SER A 601 -20.07 -11.16 -50.18
N GLN A 602 -20.26 -10.58 -49.00
CA GLN A 602 -21.40 -9.69 -48.74
C GLN A 602 -20.93 -8.52 -47.89
N ILE A 603 -21.45 -7.33 -48.22
CA ILE A 603 -21.10 -6.09 -47.52
C ILE A 603 -22.37 -5.45 -47.02
N LEU A 604 -22.44 -5.19 -45.71
CA LEU A 604 -23.59 -4.55 -45.08
C LEU A 604 -23.11 -3.28 -44.42
N ILE A 605 -23.76 -2.16 -44.73
CA ILE A 605 -23.36 -0.85 -44.24
C ILE A 605 -24.36 -0.40 -43.18
N LEU A 606 -23.86 0.17 -42.08
CA LEU A 606 -24.67 0.70 -41.00
C LEU A 606 -24.51 2.21 -40.94
N LYS A 607 -25.61 2.92 -40.72
CA LYS A 607 -25.58 4.37 -40.56
C LYS A 607 -26.74 4.79 -39.67
N ASP A 608 -26.42 5.30 -38.48
CA ASP A 608 -27.42 5.76 -37.50
C ASP A 608 -28.40 4.65 -37.15
N GLY A 609 -27.91 3.42 -37.13
CA GLY A 609 -28.73 2.27 -36.78
C GLY A 609 -29.57 1.70 -37.89
N LYS A 610 -29.57 2.33 -39.07
CA LYS A 610 -30.38 1.87 -40.20
C LYS A 610 -29.50 1.14 -41.21
N MET A 611 -30.07 0.08 -41.79
CA MET A 611 -29.38 -0.70 -42.81
C MET A 611 -29.45 0.02 -44.14
N VAL A 612 -28.34 0.59 -44.59
CA VAL A 612 -28.32 1.35 -45.83
C VAL A 612 -28.47 0.43 -47.03
N GLN A 613 -27.53 -0.50 -47.20
CA GLN A 613 -27.56 -1.39 -48.35
C GLN A 613 -26.79 -2.66 -48.01
N LYS A 614 -27.25 -3.77 -48.56
CA LYS A 614 -26.64 -5.08 -48.34
C LYS A 614 -26.43 -5.75 -49.69
N GLY A 615 -25.18 -6.13 -49.97
CA GLY A 615 -24.87 -6.77 -51.24
C GLY A 615 -23.39 -6.99 -51.37
N THR A 616 -23.01 -7.56 -52.51
CA THR A 616 -21.61 -7.86 -52.78
C THR A 616 -20.86 -6.59 -53.20
N TYR A 617 -19.55 -6.74 -53.39
CA TYR A 617 -18.73 -5.61 -53.79
C TYR A 617 -19.05 -5.17 -55.21
N THR A 618 -19.53 -6.09 -56.04
CA THR A 618 -19.88 -5.73 -57.41
C THR A 618 -21.13 -4.86 -57.47
N GLU A 619 -22.12 -5.16 -56.63
CA GLU A 619 -23.36 -4.37 -56.64
C GLU A 619 -23.12 -2.96 -56.17
N PHE A 620 -22.17 -2.76 -55.25
CA PHE A 620 -21.87 -1.42 -54.76
C PHE A 620 -21.12 -0.61 -55.81
N LEU A 621 -20.41 -1.28 -56.73
CA LEU A 621 -19.67 -0.58 -57.76
C LEU A 621 -20.59 -0.04 -58.85
N LYS A 622 -21.58 -0.85 -59.25
CA LYS A 622 -22.50 -0.42 -60.31
C LYS A 622 -23.48 0.64 -59.80
N SER A 623 -23.66 0.75 -58.49
CA SER A 623 -24.56 1.74 -57.92
C SER A 623 -23.97 3.15 -57.93
N GLY A 624 -22.68 3.29 -58.23
CA GLY A 624 -22.07 4.60 -58.24
C GLY A 624 -21.85 5.22 -56.88
N ILE A 625 -22.02 4.44 -55.81
CA ILE A 625 -21.87 4.94 -54.45
C ILE A 625 -20.39 4.89 -54.09
N ASP A 626 -19.92 5.87 -53.32
CA ASP A 626 -18.53 5.96 -52.94
C ASP A 626 -18.38 5.56 -51.47
N PHE A 627 -17.41 4.69 -51.18
CA PHE A 627 -17.17 4.27 -49.80
C PHE A 627 -16.47 5.36 -49.00
N GLY A 628 -15.66 6.19 -49.66
CA GLY A 628 -14.96 7.24 -48.94
C GLY A 628 -15.87 8.37 -48.53
N SER A 629 -16.95 8.60 -49.29
CA SER A 629 -17.88 9.68 -48.95
C SER A 629 -18.70 9.35 -47.71
N LEU A 630 -19.10 8.08 -47.55
CA LEU A 630 -19.89 7.70 -46.38
C LEU A 630 -19.05 7.62 -45.11
N LEU A 631 -17.74 7.45 -45.24
CA LEU A 631 -16.86 7.37 -44.07
C LEU A 631 -16.42 8.74 -43.56
N LYS A 632 -16.46 9.77 -44.40
CA LYS A 632 -16.10 11.12 -43.99
C LYS A 632 -17.24 11.70 -43.16
N LYS A 633 -16.90 12.31 -42.03
CA LYS A 633 -17.90 12.88 -41.14
C LYS A 633 -18.56 14.11 -41.78
N LYS A 695 18.81 -9.81 12.59
CA LYS A 695 18.48 -8.91 13.69
C LYS A 695 19.15 -7.56 13.50
N VAL A 696 18.56 -6.52 14.09
CA VAL A 696 19.09 -5.18 13.99
C VAL A 696 20.26 -5.02 14.96
N GLY A 697 21.38 -4.52 14.46
CA GLY A 697 22.54 -4.31 15.30
C GLY A 697 22.38 -3.14 16.25
N PHE A 698 23.36 -3.00 17.13
CA PHE A 698 23.33 -1.91 18.12
C PHE A 698 23.67 -0.57 17.50
N GLN A 699 24.25 -0.55 16.29
CA GLN A 699 24.61 0.72 15.66
C GLN A 699 23.37 1.54 15.32
N ALA A 700 22.31 0.89 14.82
CA ALA A 700 21.09 1.61 14.51
C ALA A 700 20.44 2.17 15.75
N TYR A 701 20.40 1.38 16.83
CA TYR A 701 19.84 1.86 18.09
C TYR A 701 20.63 3.04 18.64
N LYS A 702 21.97 2.96 18.57
CA LYS A 702 22.80 4.05 19.04
C LYS A 702 22.59 5.31 18.22
N ASN A 703 22.48 5.17 16.89
CA ASN A 703 22.25 6.32 16.03
C ASN A 703 20.88 6.94 16.28
N TYR A 704 19.87 6.11 16.56
CA TYR A 704 18.54 6.63 16.84
C TYR A 704 18.47 7.29 18.22
N PHE A 705 19.26 6.80 19.18
CA PHE A 705 19.27 7.39 20.50
C PHE A 705 20.08 8.69 20.54
N ARG A 706 21.15 8.78 19.76
CA ARG A 706 21.99 9.98 19.75
C ARG A 706 21.43 11.08 18.86
N ALA A 707 20.50 10.77 17.96
CA ALA A 707 19.93 11.76 17.06
C ALA A 707 18.80 12.57 17.71
N GLY A 708 18.41 12.24 18.94
CA GLY A 708 17.36 12.97 19.61
C GLY A 708 17.87 14.14 20.41
N ALA A 709 18.83 13.89 21.30
CA ALA A 709 19.41 14.92 22.14
C ALA A 709 20.69 14.36 22.76
N HIS A 710 21.24 15.11 23.71
CA HIS A 710 22.40 14.65 24.46
C HIS A 710 22.05 13.42 25.29
N TRP A 711 23.08 12.68 25.69
CA TRP A 711 22.86 11.51 26.53
C TRP A 711 22.46 11.88 27.96
N ILE A 712 22.56 13.17 28.33
CA ILE A 712 22.20 13.57 29.69
C ILE A 712 20.70 13.41 29.94
N VAL A 713 19.87 13.70 28.92
CA VAL A 713 18.43 13.53 29.11
C VAL A 713 18.09 12.05 29.17
N PHE A 714 18.86 11.20 28.48
CA PHE A 714 18.66 9.77 28.59
C PHE A 714 19.02 9.27 29.99
N ILE A 715 20.11 9.78 30.56
CA ILE A 715 20.47 9.43 31.93
C ILE A 715 19.40 9.90 32.90
N PHE A 716 18.87 11.10 32.68
CA PHE A 716 17.81 11.62 33.55
C PHE A 716 16.55 10.78 33.44
N LEU A 717 16.22 10.33 32.23
CA LEU A 717 15.05 9.46 32.05
C LEU A 717 15.24 8.12 32.74
N ILE A 718 16.46 7.56 32.65
CA ILE A 718 16.74 6.30 33.34
C ILE A 718 16.60 6.49 34.85
N LEU A 719 17.10 7.61 35.37
CA LEU A 719 16.98 7.89 36.80
C LEU A 719 15.52 8.07 37.21
N LEU A 720 14.74 8.72 36.36
CA LEU A 720 13.32 8.94 36.63
C LEU A 720 12.57 7.62 36.66
N ASN A 721 12.86 6.74 35.70
CA ASN A 721 12.27 5.40 35.67
C ASN A 721 12.67 4.59 36.90
N THR A 722 13.94 4.66 37.30
CA THR A 722 14.36 3.98 38.52
C THR A 722 13.58 4.49 39.73
N ALA A 723 13.50 5.81 39.90
CA ALA A 723 12.66 6.38 40.95
C ALA A 723 11.26 6.69 40.44
N ALA A 724 10.65 5.75 39.72
CA ALA A 724 9.22 5.69 39.48
C ALA A 724 8.81 4.24 39.61
N GLN A 725 9.81 3.35 39.52
CA GLN A 725 9.62 1.94 39.78
C GLN A 725 9.94 1.54 41.21
N VAL A 726 10.93 2.18 41.85
CA VAL A 726 11.24 1.90 43.25
C VAL A 726 10.18 2.44 44.19
N ALA A 727 9.37 3.41 43.73
CA ALA A 727 8.31 4.00 44.52
C ALA A 727 6.99 3.28 44.29
N TYR A 728 7.05 2.13 43.61
CA TYR A 728 5.86 1.33 43.35
C TYR A 728 5.87 0.07 44.19
N VAL A 729 7.07 -0.49 44.41
CA VAL A 729 7.19 -1.67 45.26
C VAL A 729 7.18 -1.26 46.74
N LEU A 730 7.84 -0.16 47.07
CA LEU A 730 7.90 0.34 48.44
C LEU A 730 6.55 0.88 48.92
N GLN A 731 5.62 1.15 48.00
CA GLN A 731 4.30 1.67 48.35
C GLN A 731 3.51 0.71 49.23
N ASP A 732 3.72 -0.59 49.10
CA ASP A 732 3.02 -1.60 49.90
C ASP A 732 3.83 -2.03 51.11
N TRP A 733 5.04 -1.48 51.25
CA TRP A 733 5.89 -1.78 52.41
C TRP A 733 5.29 -1.15 53.67
N TRP A 734 4.64 0.00 53.51
CA TRP A 734 3.98 0.65 54.63
C TRP A 734 2.79 -0.16 55.10
N LEU A 735 2.10 -0.82 54.16
CA LEU A 735 0.97 -1.67 54.53
C LEU A 735 1.42 -2.86 55.36
N SER A 736 2.66 -3.33 55.17
CA SER A 736 3.17 -4.41 55.98
C SER A 736 3.73 -3.90 57.31
N TYR A 737 4.38 -2.74 57.28
CA TYR A 737 4.89 -2.14 58.51
C TYR A 737 3.78 -1.73 59.47
N TRP A 738 2.61 -1.38 58.95
CA TRP A 738 1.49 -1.02 59.82
C TRP A 738 0.80 -2.27 60.35
N ALA A 739 0.77 -3.35 59.56
CA ALA A 739 0.13 -4.59 59.96
C ALA A 739 0.99 -5.41 60.91
N ASN A 740 2.31 -5.25 60.87
CA ASN A 740 3.22 -5.98 61.75
C ASN A 740 3.52 -5.19 63.02
N LYS A 741 2.72 -4.15 63.29
CA LYS A 741 2.88 -3.35 64.49
C LYS A 741 1.58 -3.35 65.30
N GLN A 742 0.45 -3.49 64.62
CA GLN A 742 -0.83 -3.56 65.29
C GLN A 742 -1.03 -4.84 66.08
N SER A 743 -0.65 -5.99 65.52
CA SER A 743 -0.77 -7.28 66.20
C SER A 743 0.52 -7.67 66.92
N MET A 744 1.46 -6.73 67.06
CA MET A 744 2.73 -7.03 67.72
C MET A 744 2.59 -6.94 69.24
N LEU A 745 2.24 -5.75 69.74
CA LEU A 745 2.13 -5.51 71.17
C LEU A 745 0.90 -4.70 71.54
N ASN A 746 0.11 -4.28 70.55
CA ASN A 746 -1.09 -3.50 70.78
C ASN A 746 -2.32 -4.35 71.07
N VAL A 747 -2.23 -5.66 70.90
CA VAL A 747 -3.33 -6.57 71.16
C VAL A 747 -3.37 -7.01 72.62
N THR A 748 -2.23 -7.00 73.31
CA THR A 748 -2.14 -7.48 74.69
C THR A 748 -2.81 -6.49 75.63
N VAL A 749 -4.15 -6.52 75.60
CA VAL A 749 -4.95 -5.68 76.50
C VAL A 749 -5.72 -6.49 77.53
N ASN A 750 -6.13 -7.73 77.23
CA ASN A 750 -6.82 -8.57 78.19
C ASN A 750 -5.86 -9.60 78.77
N GLY A 751 -5.10 -10.26 77.90
CA GLY A 751 -4.12 -11.23 78.33
C GLY A 751 -2.73 -10.95 77.77
N GLY A 752 -1.77 -10.69 78.65
CA GLY A 752 -0.42 -10.38 78.24
C GLY A 752 0.00 -8.97 78.63
N GLY A 753 -0.94 -8.17 79.07
CA GLY A 753 -0.65 -6.81 79.47
C GLY A 753 -1.93 -6.02 79.66
N ASN A 754 -1.73 -4.76 80.07
CA ASN A 754 -2.86 -3.85 80.31
C ASN A 754 -2.39 -2.44 79.94
N VAL A 755 -2.73 -2.02 78.73
CA VAL A 755 -2.39 -0.70 78.23
C VAL A 755 -3.53 -0.19 77.37
N THR A 756 -3.85 1.10 77.49
CA THR A 756 -4.95 1.68 76.74
C THR A 756 -4.48 2.55 75.57
N GLU A 757 -3.17 2.63 75.34
CA GLU A 757 -2.66 3.43 74.24
C GLU A 757 -2.90 2.73 72.90
N LYS A 758 -2.84 3.51 71.83
CA LYS A 758 -3.04 2.99 70.48
C LYS A 758 -2.07 3.68 69.53
N LEU A 759 -2.08 3.23 68.27
CA LEU A 759 -1.20 3.79 67.25
C LEU A 759 -1.63 5.22 66.91
N ASP A 760 -0.65 6.08 66.64
CA ASP A 760 -0.92 7.47 66.31
C ASP A 760 -1.52 7.59 64.91
N LEU A 761 -2.78 8.01 64.82
CA LEU A 761 -3.46 8.16 63.54
C LEU A 761 -2.95 9.35 62.74
N ASN A 762 -2.42 10.39 63.38
CA ASN A 762 -1.93 11.58 62.71
C ASN A 762 -0.49 11.44 62.24
N TRP A 763 0.08 10.24 62.34
CA TRP A 763 1.44 9.99 61.91
C TRP A 763 1.57 8.96 60.79
N TYR A 764 0.83 7.86 60.85
CA TYR A 764 0.89 6.83 59.81
C TYR A 764 0.08 7.25 58.59
N LEU A 765 -1.10 7.81 58.82
CA LEU A 765 -1.95 8.24 57.70
C LEU A 765 -1.30 9.38 56.92
N GLY A 766 -0.66 10.31 57.62
CA GLY A 766 0.03 11.39 56.93
C GLY A 766 1.18 10.89 56.07
N ILE A 767 1.95 9.94 56.60
CA ILE A 767 3.06 9.38 55.83
C ILE A 767 2.52 8.61 54.62
N TYR A 768 1.43 7.86 54.81
CA TYR A 768 0.85 7.12 53.69
C TYR A 768 0.35 8.08 52.61
N SER A 769 -0.27 9.19 53.01
CA SER A 769 -0.76 10.16 52.03
C SER A 769 0.39 10.87 51.33
N GLY A 770 1.48 11.14 52.04
CA GLY A 770 2.62 11.77 51.41
C GLY A 770 3.38 10.83 50.49
N LEU A 771 3.27 9.52 50.75
CA LEU A 771 3.94 8.54 49.92
C LEU A 771 3.12 8.13 48.71
N THR A 772 1.78 8.13 48.81
CA THR A 772 0.92 7.74 47.71
C THR A 772 0.75 8.85 46.68
N VAL A 773 1.24 10.05 46.96
CA VAL A 773 1.14 11.17 46.02
C VAL A 773 2.41 11.21 45.19
N ALA A 774 3.39 10.38 45.56
CA ALA A 774 4.67 10.30 44.86
C ALA A 774 4.60 9.30 43.72
N THR A 775 3.40 9.02 43.24
CA THR A 775 3.21 8.10 42.12
C THR A 775 2.56 8.76 40.92
N VAL A 776 1.59 9.65 41.11
CA VAL A 776 0.93 10.34 40.01
C VAL A 776 1.83 11.47 39.53
N LEU A 777 2.54 12.11 40.46
CA LEU A 777 3.43 13.21 40.12
C LEU A 777 4.68 12.70 39.42
N PHE A 778 4.99 11.41 39.60
CA PHE A 778 6.15 10.81 38.94
C PHE A 778 5.71 9.95 37.78
N GLY A 779 4.49 10.19 37.27
CA GLY A 779 3.98 9.44 36.14
C GLY A 779 3.68 10.31 34.95
N ILE A 780 3.46 11.60 35.19
CA ILE A 780 3.19 12.56 34.13
C ILE A 780 4.50 13.12 33.62
N ALA A 781 5.49 13.22 34.50
CA ALA A 781 6.81 13.70 34.13
C ALA A 781 7.69 12.55 33.65
N ARG A 782 7.10 11.35 33.52
CA ARG A 782 7.83 10.18 33.06
C ARG A 782 7.26 9.67 31.73
N SER A 783 6.09 10.18 31.33
CA SER A 783 5.46 9.75 30.09
C SER A 783 5.30 10.94 29.14
N LEU A 784 6.05 12.02 29.39
CA LEU A 784 5.98 13.20 28.54
C LEU A 784 7.35 13.61 28.02
N LEU A 785 8.37 12.79 28.20
CA LEU A 785 9.72 13.07 27.72
C LEU A 785 10.16 12.13 26.60
N VAL A 786 9.83 10.85 26.70
CA VAL A 786 10.20 9.91 25.64
C VAL A 786 9.48 10.26 24.34
N PHE A 787 8.20 10.61 24.44
CA PHE A 787 7.45 11.02 23.26
C PHE A 787 8.06 12.25 22.61
N TYR A 788 8.42 13.24 23.43
CA TYR A 788 9.03 14.46 22.90
C TYR A 788 10.37 14.18 22.24
N VAL A 789 11.18 13.31 22.85
CA VAL A 789 12.48 12.98 22.28
C VAL A 789 12.32 12.25 20.95
N LEU A 790 11.36 11.32 20.89
CA LEU A 790 11.19 10.52 19.68
C LEU A 790 10.54 11.32 18.57
N VAL A 791 9.73 12.34 18.91
CA VAL A 791 9.15 13.21 17.89
C VAL A 791 10.10 14.32 17.46
N ASN A 792 11.07 14.69 18.30
CA ASN A 792 12.11 15.63 17.91
C ASN A 792 13.22 14.99 17.10
N SER A 793 13.55 13.73 17.35
CA SER A 793 14.56 13.04 16.54
C SER A 793 14.10 12.90 15.09
N SER A 794 12.82 12.61 14.87
CA SER A 794 12.27 12.53 13.52
C SER A 794 12.17 13.89 12.85
N GLN A 795 12.14 14.97 13.62
CA GLN A 795 12.12 16.32 13.07
C GLN A 795 13.49 16.76 12.56
N THR A 796 14.57 16.21 13.12
CA THR A 796 15.92 16.51 12.66
C THR A 796 16.50 15.46 11.74
N LEU A 797 15.97 14.24 11.73
CA LEU A 797 16.44 13.22 10.79
C LEU A 797 15.86 13.42 9.40
N HIS A 798 14.73 14.15 9.28
CA HIS A 798 14.15 14.40 7.97
C HIS A 798 14.78 15.61 7.29
N ASN A 799 15.20 16.62 8.07
CA ASN A 799 15.83 17.78 7.48
C ASN A 799 17.20 17.44 6.92
N LYS A 800 17.86 16.43 7.48
CA LYS A 800 19.17 15.98 7.01
C LYS A 800 19.03 14.89 5.96
N MET A 801 17.82 14.73 5.42
CA MET A 801 17.55 13.73 4.39
C MET A 801 16.88 14.40 3.19
N PHE A 802 16.34 15.60 3.39
CA PHE A 802 15.70 16.33 2.31
C PHE A 802 16.61 17.35 1.63
N GLU A 803 17.54 17.97 2.35
CA GLU A 803 18.44 18.95 1.76
C GLU A 803 19.66 18.28 1.14
N SER A 804 19.57 16.98 0.89
CA SER A 804 20.67 16.24 0.28
C SER A 804 20.16 15.28 -0.77
N ILE A 805 18.98 15.56 -1.33
CA ILE A 805 18.39 14.72 -2.36
C ILE A 805 18.07 15.55 -3.59
N LEU A 806 18.12 16.88 -3.44
CA LEU A 806 17.87 17.79 -4.55
C LEU A 806 19.16 18.25 -5.21
N LYS A 807 20.30 18.01 -4.57
CA LYS A 807 21.59 18.37 -5.14
C LYS A 807 22.36 17.11 -5.53
N ALA A 808 21.64 16.10 -5.99
CA ALA A 808 22.21 14.82 -6.39
C ALA A 808 22.48 14.80 -7.90
N PRO A 809 23.46 14.01 -8.35
CA PRO A 809 23.74 13.95 -9.79
C PRO A 809 22.58 13.34 -10.55
N VAL A 810 22.52 13.65 -11.84
CA VAL A 810 21.45 13.17 -12.72
C VAL A 810 21.59 11.67 -12.92
N LEU A 811 22.83 11.18 -12.90
CA LEU A 811 23.12 9.76 -13.11
C LEU A 811 22.46 8.91 -12.03
N PHE A 812 22.36 9.44 -10.81
CA PHE A 812 21.73 8.69 -9.73
C PHE A 812 20.23 8.55 -9.96
N PHE A 813 19.60 9.55 -10.56
CA PHE A 813 18.16 9.49 -10.79
C PHE A 813 17.81 8.51 -11.89
N ASP A 814 18.71 8.29 -12.85
CA ASP A 814 18.47 7.38 -13.96
C ASP A 814 18.57 5.91 -13.55
N ARG A 815 19.17 5.62 -12.40
CA ARG A 815 19.31 4.23 -11.96
C ARG A 815 18.04 3.72 -11.29
N ASN A 816 17.49 4.49 -10.37
CA ASN A 816 16.30 4.10 -9.63
C ASN A 816 15.06 4.67 -10.30
N PRO A 817 13.97 3.90 -10.35
CA PRO A 817 12.73 4.39 -10.96
C PRO A 817 12.02 5.42 -10.09
N ILE A 818 10.86 5.88 -10.53
CA ILE A 818 10.08 6.86 -9.79
C ILE A 818 9.34 6.17 -8.65
N GLY A 819 8.98 4.91 -8.85
CA GLY A 819 8.25 4.19 -7.81
C GLY A 819 9.13 3.80 -6.64
N ARG A 820 10.40 3.53 -6.91
CA ARG A 820 11.34 3.10 -5.87
C ARG A 820 12.06 4.29 -5.25
N ILE A 821 11.71 5.50 -5.67
CA ILE A 821 12.31 6.72 -5.15
C ILE A 821 11.26 7.52 -4.40
N LEU A 822 9.99 7.12 -4.53
CA LEU A 822 8.90 7.80 -3.84
C LEU A 822 8.41 6.94 -2.68
N ASN A 823 9.03 5.77 -2.49
CA ASN A 823 8.64 4.87 -1.40
C ASN A 823 9.43 5.15 -0.13
N ARG A 824 10.37 6.09 -0.17
CA ARG A 824 11.17 6.45 0.99
C ARG A 824 10.73 7.78 1.59
N PHE A 825 9.63 8.34 1.08
CA PHE A 825 9.17 9.63 1.61
C PHE A 825 7.71 9.61 2.05
N SER A 826 7.01 8.48 1.95
CA SER A 826 5.60 8.43 2.31
C SER A 826 5.32 7.30 3.31
N LYS A 827 6.04 6.20 3.19
CA LYS A 827 5.80 5.04 4.04
C LYS A 827 6.65 5.10 5.31
N ASP A 828 7.97 5.14 5.16
CA ASP A 828 8.86 5.20 6.30
C ASP A 828 9.21 6.65 6.64
N ILE A 829 8.20 7.50 6.78
CA ILE A 829 8.42 8.89 7.15
C ILE A 829 7.48 9.25 8.29
N GLY A 830 6.49 8.40 8.54
CA GLY A 830 5.55 8.63 9.61
C GLY A 830 5.46 7.47 10.59
N HIS A 831 6.22 6.41 10.32
CA HIS A 831 6.24 5.24 11.19
C HIS A 831 7.02 5.54 12.47
N LEU A 832 7.90 6.53 12.42
CA LEU A 832 8.71 6.90 13.57
C LEU A 832 8.06 8.05 14.34
N ASP A 833 6.75 8.24 14.17
CA ASP A 833 6.05 9.36 14.79
C ASP A 833 4.98 8.86 15.75
N ASP A 834 4.17 7.90 15.33
CA ASP A 834 3.06 7.43 16.15
C ASP A 834 3.20 5.96 16.51
N LEU A 835 3.60 5.14 15.54
CA LEU A 835 3.66 3.69 15.75
C LEU A 835 4.90 3.29 16.53
N LEU A 836 6.00 4.01 16.33
CA LEU A 836 7.25 3.69 16.99
C LEU A 836 7.26 4.09 18.47
N PRO A 837 6.87 5.34 18.83
CA PRO A 837 6.89 5.70 20.26
C PRO A 837 5.88 4.94 21.09
N LEU A 838 4.68 4.72 20.53
CA LEU A 838 3.64 4.00 21.25
C LEU A 838 4.01 2.53 21.50
N THR A 839 4.91 1.97 20.70
CA THR A 839 5.37 0.59 20.89
C THR A 839 6.62 0.56 21.76
N PHE A 840 7.47 1.59 21.65
CA PHE A 840 8.69 1.67 22.43
C PHE A 840 8.47 2.02 23.89
N LEU A 841 7.48 2.87 24.21
CA LEU A 841 7.17 3.21 25.59
C LEU A 841 6.44 2.09 26.32
N ASP A 842 5.63 1.30 25.60
CA ASP A 842 4.91 0.18 26.21
C ASP A 842 5.83 -0.99 26.53
N PHE A 843 7.08 -0.96 26.06
CA PHE A 843 8.04 -2.02 26.33
C PHE A 843 8.98 -1.68 27.49
N ILE A 844 9.38 -0.42 27.63
CA ILE A 844 10.26 0.00 28.72
C ILE A 844 9.52 0.15 30.04
N GLN A 845 8.20 0.24 30.02
CA GLN A 845 7.39 0.34 31.23
C GLN A 845 6.86 -1.03 31.64
N THR A 846 7.05 -2.02 30.78
CA THR A 846 6.64 -3.39 31.07
C THR A 846 7.82 -4.22 31.53
N LEU A 847 9.01 -3.92 31.01
CA LEU A 847 10.23 -4.59 31.42
C LEU A 847 10.63 -4.25 32.85
N LEU A 848 10.40 -3.02 33.30
CA LEU A 848 10.71 -2.66 34.68
C LEU A 848 9.65 -3.20 35.63
N GLN A 849 8.50 -3.62 35.10
CA GLN A 849 7.43 -4.16 35.92
C GLN A 849 7.62 -5.64 36.24
N VAL A 850 8.41 -6.36 35.44
CA VAL A 850 8.68 -7.77 35.66
C VAL A 850 9.94 -7.99 36.47
N VAL A 851 10.87 -7.03 36.44
CA VAL A 851 12.10 -7.12 37.22
C VAL A 851 11.86 -6.93 38.71
N GLY A 852 10.75 -6.29 39.09
CA GLY A 852 10.40 -6.14 40.49
C GLY A 852 9.69 -7.33 41.12
N VAL A 853 9.29 -8.32 40.32
CA VAL A 853 8.61 -9.52 40.83
C VAL A 853 9.60 -10.60 41.22
N VAL A 854 10.73 -10.73 40.51
CA VAL A 854 11.73 -11.73 40.83
C VAL A 854 12.63 -11.19 41.93
N SER A 855 12.69 -9.86 42.05
CA SER A 855 13.56 -9.21 43.03
C SER A 855 13.00 -9.36 44.44
N VAL A 856 11.67 -9.24 44.59
CA VAL A 856 11.01 -9.40 45.88
C VAL A 856 10.99 -10.84 46.35
N ALA A 857 11.18 -11.80 45.45
CA ALA A 857 11.25 -13.21 45.80
C ALA A 857 12.65 -13.66 46.16
N VAL A 858 13.67 -12.83 45.94
CA VAL A 858 15.04 -13.14 46.29
C VAL A 858 15.57 -12.26 47.41
N ALA A 859 15.09 -11.02 47.54
CA ALA A 859 15.51 -10.12 48.61
C ALA A 859 14.80 -10.45 49.93
N VAL A 860 13.97 -11.49 49.94
CA VAL A 860 13.27 -11.89 51.14
C VAL A 860 13.80 -13.26 51.59
N ILE A 861 13.79 -14.22 50.68
CA ILE A 861 14.31 -15.56 50.96
C ILE A 861 15.56 -15.78 50.11
N PRO A 862 16.76 -15.64 50.66
CA PRO A 862 17.98 -15.82 49.87
C PRO A 862 18.31 -17.28 49.63
N TRP A 863 17.34 -18.05 49.13
CA TRP A 863 17.56 -19.47 48.84
C TRP A 863 16.88 -19.83 47.52
N ILE A 864 16.47 -18.83 46.76
CA ILE A 864 15.81 -19.04 45.47
C ILE A 864 16.71 -18.71 44.30
N ALA A 865 17.78 -17.92 44.50
CA ALA A 865 18.67 -17.56 43.41
C ALA A 865 19.50 -18.73 42.91
N ILE A 866 19.66 -19.78 43.72
CA ILE A 866 20.44 -20.95 43.31
C ILE A 866 19.64 -21.79 42.32
N PRO A 867 18.38 -22.20 42.61
CA PRO A 867 17.63 -22.92 41.57
C PRO A 867 16.85 -21.99 40.65
N LEU A 868 17.56 -21.02 40.07
CA LEU A 868 16.95 -20.04 39.19
C LEU A 868 17.73 -19.94 37.88
N VAL A 869 19.03 -20.27 37.91
CA VAL A 869 19.84 -20.20 36.70
C VAL A 869 19.48 -21.26 35.67
N PRO A 870 19.02 -22.48 36.02
CA PRO A 870 18.63 -23.41 34.95
C PRO A 870 17.44 -22.91 34.15
N LEU A 871 16.44 -22.33 34.81
CA LEU A 871 15.29 -21.79 34.10
C LEU A 871 15.71 -20.61 33.22
N GLY A 872 16.61 -19.76 33.72
CA GLY A 872 17.09 -18.66 32.92
C GLY A 872 17.88 -19.10 31.70
N ILE A 873 18.67 -20.17 31.85
CA ILE A 873 19.41 -20.70 30.71
C ILE A 873 18.46 -21.35 29.71
N ILE A 874 17.41 -22.02 30.20
CA ILE A 874 16.46 -22.68 29.30
C ILE A 874 15.66 -21.64 28.52
N PHE A 875 15.26 -20.55 29.19
CA PHE A 875 14.47 -19.52 28.55
C PHE A 875 15.22 -18.80 27.43
N ILE A 876 16.52 -18.53 27.60
CA ILE A 876 17.29 -17.88 26.55
C ILE A 876 17.46 -18.80 25.35
N PHE A 877 17.68 -20.10 25.58
CA PHE A 877 17.86 -21.02 24.47
C PHE A 877 16.54 -21.29 23.77
N LEU A 878 15.42 -21.17 24.49
CA LEU A 878 14.12 -21.41 23.88
C LEU A 878 13.72 -20.27 22.94
N ARG A 879 14.13 -19.04 23.25
CA ARG A 879 13.77 -17.90 22.42
C ARG A 879 14.49 -17.92 21.07
N ARG A 880 15.79 -18.17 21.07
CA ARG A 880 16.55 -18.28 19.82
C ARG A 880 16.59 -19.75 19.38
N TYR A 881 15.41 -20.36 19.44
CA TYR A 881 15.13 -21.65 18.82
C TYR A 881 13.77 -21.54 18.15
N PHE A 882 12.97 -20.57 18.60
CA PHE A 882 11.67 -20.33 18.00
C PHE A 882 11.69 -19.10 17.11
N LEU A 883 12.45 -18.06 17.47
CA LEU A 883 12.51 -16.84 16.66
C LEU A 883 13.64 -16.96 15.63
N GLU A 884 13.63 -18.08 14.90
CA GLU A 884 14.53 -18.28 13.77
C GLU A 884 13.81 -19.06 12.67
N THR A 885 12.52 -19.36 12.91
CA THR A 885 11.73 -20.13 11.97
C THR A 885 10.39 -19.48 11.65
N SER A 886 9.82 -18.71 12.57
CA SER A 886 8.53 -18.05 12.40
C SER A 886 8.61 -16.99 11.30
N ARG A 887 9.82 -16.59 10.95
CA ARG A 887 10.02 -15.64 9.86
C ARG A 887 9.58 -16.21 8.52
N ASP A 888 9.98 -17.44 8.21
CA ASP A 888 9.57 -18.08 6.97
C ASP A 888 8.07 -18.34 6.92
N VAL A 889 7.45 -18.72 8.03
CA VAL A 889 6.00 -18.93 8.09
C VAL A 889 5.23 -17.66 7.80
N LYS A 890 5.69 -16.51 8.34
CA LYS A 890 5.07 -15.23 8.08
C LYS A 890 5.37 -14.68 6.69
N ARG A 891 6.54 -15.00 6.12
CA ARG A 891 6.87 -14.56 4.77
C ARG A 891 6.16 -15.36 3.69
N LEU A 892 5.95 -16.67 3.91
CA LEU A 892 5.25 -17.48 2.92
C LEU A 892 3.76 -17.13 2.87
N GLU A 893 3.20 -16.79 4.04
CA GLU A 893 1.79 -16.39 4.08
C GLU A 893 1.54 -15.10 3.30
N SER A 894 2.44 -14.12 3.44
CA SER A 894 2.28 -12.86 2.73
C SER A 894 2.55 -13.04 1.23
N THR A 895 3.32 -14.06 0.85
CA THR A 895 3.59 -14.30 -0.56
C THR A 895 2.33 -14.77 -1.28
N THR A 896 1.69 -15.82 -0.78
CA THR A 896 0.44 -16.32 -1.33
C THR A 896 -0.79 -15.72 -0.66
N ARG A 897 -0.64 -14.51 -0.12
CA ARG A 897 -1.73 -13.83 0.58
C ARG A 897 -2.83 -13.36 -0.37
N SER A 898 -2.48 -12.88 -1.55
CA SER A 898 -3.51 -12.32 -2.44
C SER A 898 -3.42 -12.85 -3.86
N PRO A 899 -3.50 -14.16 -4.10
CA PRO A 899 -3.67 -14.63 -5.48
C PRO A 899 -5.14 -14.66 -5.86
N VAL A 900 -5.87 -13.61 -5.49
CA VAL A 900 -7.30 -13.51 -5.73
C VAL A 900 -7.60 -12.22 -6.48
N PHE A 901 -6.98 -11.13 -6.03
CA PHE A 901 -7.23 -9.81 -6.63
C PHE A 901 -6.88 -9.81 -8.10
N SER A 902 -5.76 -10.44 -8.48
CA SER A 902 -5.45 -10.59 -9.90
C SER A 902 -5.99 -11.91 -10.42
N HIS A 903 -7.25 -12.20 -10.10
CA HIS A 903 -7.96 -13.33 -10.67
C HIS A 903 -9.38 -12.91 -11.01
N LEU A 904 -9.81 -11.75 -10.48
CA LEU A 904 -11.15 -11.23 -10.70
C LEU A 904 -11.11 -9.87 -11.38
N SER A 905 -10.04 -9.10 -11.13
CA SER A 905 -9.88 -7.80 -11.75
C SER A 905 -9.66 -7.95 -13.26
N SER A 906 -9.08 -9.08 -13.66
CA SER A 906 -8.82 -9.39 -15.07
C SER A 906 -9.91 -10.27 -15.66
N SER A 907 -11.04 -10.42 -14.95
CA SER A 907 -12.13 -11.25 -15.44
C SER A 907 -13.44 -10.46 -15.44
N LEU A 908 -13.53 -9.45 -14.59
CA LEU A 908 -14.74 -8.63 -14.52
C LEU A 908 -14.71 -7.51 -15.57
N GLN A 909 -13.55 -7.27 -16.18
CA GLN A 909 -13.44 -6.28 -17.24
C GLN A 909 -13.67 -6.86 -18.63
N GLY A 910 -13.55 -8.18 -18.78
CA GLY A 910 -13.77 -8.83 -20.06
C GLY A 910 -14.67 -10.04 -19.97
N LEU A 911 -15.68 -9.98 -19.10
CA LEU A 911 -16.59 -11.11 -18.92
C LEU A 911 -17.62 -11.23 -20.02
N TRP A 912 -17.59 -10.35 -21.03
CA TRP A 912 -18.56 -10.41 -22.11
C TRP A 912 -18.38 -11.66 -22.97
N THR A 913 -17.22 -12.30 -22.89
CA THR A 913 -16.95 -13.51 -23.65
C THR A 913 -16.71 -14.73 -22.79
N ILE A 914 -16.67 -14.58 -21.46
CA ILE A 914 -16.43 -15.71 -20.58
C ILE A 914 -17.70 -16.55 -20.42
N ARG A 915 -18.85 -15.96 -20.76
CA ARG A 915 -20.12 -16.65 -20.67
C ARG A 915 -20.70 -17.01 -22.04
N ALA A 916 -20.00 -16.66 -23.11
CA ALA A 916 -20.46 -17.00 -24.46
C ALA A 916 -19.76 -18.24 -24.97
N TYR A 917 -19.09 -18.97 -24.08
CA TYR A 917 -18.37 -20.19 -24.45
C TYR A 917 -18.87 -21.37 -23.63
N LYS A 918 -19.89 -21.13 -22.80
CA LYS A 918 -20.45 -22.14 -21.91
C LYS A 918 -19.37 -22.75 -21.03
N ALA A 919 -18.53 -21.90 -20.43
CA ALA A 919 -17.48 -22.41 -19.57
C ALA A 919 -17.65 -22.01 -18.10
N GLU A 920 -18.88 -22.03 -17.57
CA GLU A 920 -19.09 -21.67 -16.17
C GLU A 920 -18.56 -22.75 -15.24
N GLU A 921 -18.41 -23.98 -15.75
CA GLU A 921 -17.88 -25.07 -14.95
C GLU A 921 -16.41 -24.85 -14.62
N ARG A 922 -15.63 -24.39 -15.59
CA ARG A 922 -14.21 -24.10 -15.38
C ARG A 922 -13.99 -22.65 -14.97
N CYS A 923 -14.73 -22.21 -13.96
CA CYS A 923 -14.59 -20.85 -13.44
C CYS A 923 -14.55 -20.87 -11.92
N GLN A 924 -15.08 -21.94 -11.31
CA GLN A 924 -15.08 -22.06 -9.87
C GLN A 924 -13.95 -22.96 -9.38
N GLU A 925 -13.59 -23.96 -10.18
CA GLU A 925 -12.49 -24.84 -9.79
C GLU A 925 -11.16 -24.11 -9.78
N LEU A 926 -11.01 -23.11 -10.65
CA LEU A 926 -9.79 -22.31 -10.68
C LEU A 926 -9.73 -21.38 -9.49
N PHE A 927 -10.88 -20.83 -9.07
CA PHE A 927 -10.91 -19.95 -7.91
C PHE A 927 -10.70 -20.73 -6.62
N ASP A 928 -11.20 -21.97 -6.57
CA ASP A 928 -11.02 -22.81 -5.39
C ASP A 928 -9.57 -23.23 -5.23
N ALA A 929 -8.85 -23.35 -6.36
CA ALA A 929 -7.44 -23.72 -6.30
C ALA A 929 -6.61 -22.60 -5.66
N HIS A 930 -6.95 -21.35 -5.96
CA HIS A 930 -6.26 -20.21 -5.37
C HIS A 930 -6.69 -19.94 -3.93
N GLN A 931 -7.85 -20.44 -3.52
CA GLN A 931 -8.33 -20.24 -2.15
C GLN A 931 -7.66 -21.24 -1.21
N ASP A 932 -7.48 -22.47 -1.68
CA ASP A 932 -6.85 -23.51 -0.87
C ASP A 932 -5.38 -23.18 -0.62
N LEU A 933 -4.71 -22.62 -1.64
CA LEU A 933 -3.31 -22.24 -1.49
C LEU A 933 -3.12 -21.19 -0.41
N HIS A 934 -4.10 -20.31 -0.20
CA HIS A 934 -4.05 -19.32 0.86
C HIS A 934 -4.55 -19.84 2.19
N SER A 935 -5.54 -20.73 2.20
CA SER A 935 -6.07 -21.31 3.43
C SER A 935 -5.10 -22.31 4.06
N GLU A 936 -4.21 -22.91 3.26
CA GLU A 936 -3.22 -23.85 3.78
C GLU A 936 -2.01 -23.13 4.35
N ALA A 937 -2.02 -21.78 4.31
CA ALA A 937 -0.91 -21.00 4.84
C ALA A 937 -1.32 -20.18 6.05
N TRP A 938 -2.61 -20.17 6.39
CA TRP A 938 -3.10 -19.42 7.54
C TRP A 938 -3.13 -20.31 8.78
N PHE A 939 -3.44 -21.59 8.59
CA PHE A 939 -3.46 -22.53 9.71
C PHE A 939 -2.05 -22.71 10.28
N LEU A 940 -1.04 -22.74 9.40
CA LEU A 940 0.34 -22.85 9.85
C LEU A 940 0.77 -21.67 10.70
N PHE A 941 0.35 -20.45 10.36
CA PHE A 941 0.64 -19.28 11.19
C PHE A 941 -0.20 -19.23 12.45
N LEU A 942 -1.44 -19.69 12.42
CA LEU A 942 -2.30 -19.70 13.59
C LEU A 942 -1.89 -20.75 14.62
N THR A 943 -1.33 -21.89 14.19
CA THR A 943 -0.91 -22.94 15.10
C THR A 943 0.54 -22.75 15.56
N THR A 944 1.23 -21.77 14.98
CA THR A 944 2.61 -21.48 15.33
C THR A 944 2.71 -20.65 16.61
N SER A 945 1.88 -19.62 16.74
CA SER A 945 1.90 -18.77 17.92
C SER A 945 1.43 -19.51 19.15
N ARG A 946 0.65 -20.59 18.95
CA ARG A 946 0.13 -21.40 20.04
C ARG A 946 1.13 -22.45 20.51
N TRP A 947 2.34 -22.45 19.96
CA TRP A 947 3.39 -23.39 20.35
C TRP A 947 4.43 -22.75 21.26
N PHE A 948 4.71 -21.46 21.07
CA PHE A 948 5.67 -20.78 21.93
C PHE A 948 5.01 -20.32 23.22
N ALA A 949 3.69 -20.10 23.18
CA ALA A 949 2.93 -19.64 24.34
C ALA A 949 2.56 -20.78 25.28
N VAL A 950 2.77 -22.03 24.87
CA VAL A 950 2.47 -23.18 25.72
C VAL A 950 3.77 -23.65 26.38
N ARG A 951 4.90 -23.24 25.83
CA ARG A 951 6.21 -23.56 26.38
C ARG A 951 6.79 -22.41 27.19
N LEU A 952 6.08 -21.29 27.27
CA LEU A 952 6.53 -20.15 28.05
C LEU A 952 5.70 -20.04 29.33
N ASP A 953 4.60 -20.79 29.38
CA ASP A 953 3.73 -20.79 30.56
C ASP A 953 4.09 -21.96 31.47
N ALA A 954 5.05 -22.78 31.05
CA ALA A 954 5.50 -23.93 31.81
C ALA A 954 6.66 -23.55 32.73
N ILE A 955 7.22 -22.36 32.54
CA ILE A 955 8.32 -21.88 33.37
C ILE A 955 7.77 -20.88 34.38
N CYS A 956 6.50 -20.52 34.22
CA CYS A 956 5.85 -19.59 35.14
C CYS A 956 4.94 -20.35 36.11
N ALA A 957 4.58 -21.58 35.76
CA ALA A 957 3.74 -22.41 36.61
C ALA A 957 4.60 -23.27 37.54
N MET A 958 5.91 -23.04 37.52
CA MET A 958 6.83 -23.77 38.37
C MET A 958 7.40 -22.86 39.44
N PHE A 959 7.55 -21.57 39.12
CA PHE A 959 8.03 -20.57 40.08
C PHE A 959 7.07 -20.34 41.24
N VAL A 960 5.77 -20.48 41.01
CA VAL A 960 4.78 -20.32 42.08
C VAL A 960 4.86 -21.45 43.11
N ILE A 961 5.17 -22.68 42.69
CA ILE A 961 5.27 -23.80 43.61
C ILE A 961 6.51 -23.73 44.50
N ILE A 962 7.62 -23.21 44.00
CA ILE A 962 8.87 -23.17 44.75
C ILE A 962 8.96 -21.96 45.67
N VAL A 963 7.94 -21.12 45.69
CA VAL A 963 7.93 -19.94 46.55
C VAL A 963 6.93 -20.16 47.67
N ALA A 964 6.09 -21.18 47.53
CA ALA A 964 5.11 -21.52 48.56
C ALA A 964 5.61 -22.65 49.43
N PHE A 965 6.07 -23.74 48.81
CA PHE A 965 6.62 -24.87 49.54
C PHE A 965 7.95 -24.56 50.21
N GLY A 966 8.67 -23.55 49.71
CA GLY A 966 9.91 -23.14 50.32
C GLY A 966 9.69 -22.13 51.44
N SER A 967 8.51 -21.50 51.44
CA SER A 967 8.17 -20.57 52.51
C SER A 967 7.46 -21.29 53.65
N LEU A 968 6.74 -22.38 53.32
CA LEU A 968 6.04 -23.17 54.33
C LEU A 968 7.00 -23.94 55.23
N ILE A 969 8.13 -24.40 54.71
CA ILE A 969 9.13 -25.12 55.51
C ILE A 969 9.92 -24.20 56.43
N LEU A 970 9.88 -22.88 56.19
CA LEU A 970 10.56 -21.92 57.04
C LEU A 970 9.60 -21.16 57.95
N ALA A 971 8.59 -21.86 58.49
CA ALA A 971 7.55 -21.24 59.30
C ALA A 971 8.11 -20.43 60.46
N LYS A 972 9.06 -21.00 61.20
CA LYS A 972 9.63 -20.31 62.35
C LYS A 972 10.77 -19.38 61.92
N THR A 973 10.54 -18.56 60.90
CA THR A 973 11.52 -17.58 60.47
C THR A 973 10.86 -16.24 60.22
N LEU A 974 9.54 -16.26 59.95
CA LEU A 974 8.79 -15.07 59.62
C LEU A 974 7.56 -14.95 60.52
N ASP A 975 6.79 -13.89 60.30
CA ASP A 975 5.57 -13.64 61.07
C ASP A 975 4.45 -13.32 60.09
N ALA A 976 4.36 -14.11 59.02
CA ALA A 976 3.33 -14.02 57.99
C ALA A 976 3.45 -12.76 57.15
N GLY A 977 4.36 -11.86 57.52
CA GLY A 977 4.56 -10.64 56.76
C GLY A 977 5.21 -10.91 55.42
N GLN A 978 6.40 -11.51 55.45
CA GLN A 978 7.05 -11.93 54.22
C GLN A 978 6.23 -13.00 53.50
N VAL A 979 5.57 -13.88 54.26
CA VAL A 979 4.68 -14.88 53.67
C VAL A 979 3.58 -14.26 52.82
N GLY A 980 2.97 -13.17 53.29
CA GLY A 980 1.97 -12.48 52.50
C GLY A 980 2.57 -11.67 51.37
N LEU A 981 3.68 -10.98 51.64
CA LEU A 981 4.30 -10.13 50.63
C LEU A 981 4.79 -10.91 49.41
N ALA A 982 5.59 -11.94 49.64
CA ALA A 982 6.18 -12.69 48.53
C ALA A 982 5.11 -13.50 47.78
N LEU A 983 3.95 -13.72 48.41
CA LEU A 983 2.92 -14.52 47.77
C LEU A 983 1.90 -13.66 47.05
N SER A 984 1.74 -12.39 47.46
CA SER A 984 0.85 -11.47 46.78
C SER A 984 1.46 -10.86 45.53
N TYR A 985 2.75 -11.10 45.28
CA TYR A 985 3.42 -10.58 44.10
C TYR A 985 3.73 -11.66 43.06
N ALA A 986 3.94 -12.90 43.48
CA ALA A 986 4.24 -13.99 42.56
C ALA A 986 2.99 -14.71 42.08
N LEU A 987 1.80 -14.18 42.38
CA LEU A 987 0.54 -14.77 41.96
C LEU A 987 0.04 -14.14 40.66
N THR A 988 0.46 -12.90 40.40
CA THR A 988 0.03 -12.24 39.15
C THR A 988 1.10 -12.25 38.07
N LEU A 989 2.14 -13.09 38.17
CA LEU A 989 3.17 -13.15 37.16
C LEU A 989 2.63 -13.75 35.86
N MET A 990 1.80 -14.80 35.99
CA MET A 990 1.20 -15.43 34.83
C MET A 990 0.17 -14.51 34.19
N GLY A 991 0.51 -13.97 33.02
CA GLY A 991 -0.37 -13.06 32.33
C GLY A 991 0.34 -11.81 31.87
N MET A 992 1.39 -11.41 32.60
CA MET A 992 2.19 -10.24 32.26
C MET A 992 3.55 -10.59 31.70
N PHE A 993 3.99 -11.84 31.82
CA PHE A 993 5.27 -12.28 31.28
C PHE A 993 5.18 -12.66 29.81
N GLN A 994 3.96 -12.91 29.31
CA GLN A 994 3.78 -13.25 27.91
C GLN A 994 3.54 -12.02 27.04
N TRP A 995 2.95 -10.95 27.58
CA TRP A 995 2.71 -9.72 26.85
C TRP A 995 4.00 -8.97 26.55
N CYS A 996 5.01 -9.05 27.42
CA CYS A 996 6.28 -8.39 27.21
C CYS A 996 7.07 -8.97 26.05
N VAL A 997 6.96 -10.28 25.82
CA VAL A 997 7.64 -10.94 24.70
C VAL A 997 7.07 -10.53 23.35
N ARG A 998 5.75 -10.39 23.24
CA ARG A 998 5.16 -9.94 21.98
C ARG A 998 5.57 -8.51 21.64
N GLN A 999 5.66 -7.65 22.65
CA GLN A 999 6.10 -6.27 22.41
C GLN A 999 7.54 -6.23 21.92
N SER A 1000 8.41 -7.05 22.51
CA SER A 1000 9.80 -7.10 22.06
C SER A 1000 9.90 -7.62 20.63
N ALA A 1001 9.09 -8.63 20.30
CA ALA A 1001 9.08 -9.15 18.93
C ALA A 1001 8.59 -8.10 17.94
N GLU A 1002 7.56 -7.34 18.31
CA GLU A 1002 7.07 -6.28 17.44
C GLU A 1002 8.12 -5.18 17.27
N VAL A 1003 8.83 -4.85 18.35
CA VAL A 1003 9.89 -3.86 18.26
C VAL A 1003 11.00 -4.33 17.32
N GLU A 1004 11.42 -5.59 17.48
CA GLU A 1004 12.46 -6.15 16.62
C GLU A 1004 12.02 -6.28 15.17
N ASN A 1005 10.73 -6.51 14.90
CA ASN A 1005 10.21 -6.60 13.54
C ASN A 1005 10.02 -5.24 12.90
N MET A 1006 9.69 -4.21 13.67
CA MET A 1006 9.50 -2.88 13.13
C MET A 1006 10.79 -2.06 13.14
N MET A 1007 11.91 -2.69 13.53
CA MET A 1007 13.19 -1.99 13.55
C MET A 1007 13.98 -2.20 12.26
N ILE A 1008 13.68 -3.23 11.48
CA ILE A 1008 14.38 -3.44 10.21
C ILE A 1008 13.86 -2.49 9.15
N SER A 1009 12.73 -1.83 9.44
CA SER A 1009 12.11 -0.94 8.47
C SER A 1009 12.89 0.37 8.33
N VAL A 1010 13.52 0.82 9.43
CA VAL A 1010 14.24 2.09 9.40
C VAL A 1010 15.67 1.83 8.97
N GLU A 1011 15.90 1.75 7.66
CA GLU A 1011 17.25 1.65 7.11
C GLU A 1011 17.42 2.66 5.98
N ARG A 1012 16.37 2.87 5.20
CA ARG A 1012 16.47 3.71 4.01
C ARG A 1012 16.52 5.19 4.38
N VAL A 1013 15.92 5.54 5.52
CA VAL A 1013 15.92 6.93 5.95
C VAL A 1013 17.31 7.36 6.41
N ILE A 1014 18.15 6.41 6.82
CA ILE A 1014 19.50 6.70 7.26
C ILE A 1014 20.53 6.38 6.17
N GLU A 1015 20.17 5.54 5.19
CA GLU A 1015 21.09 5.25 4.10
C GLU A 1015 21.17 6.41 3.12
N TYR A 1016 20.09 7.20 3.00
CA TYR A 1016 20.06 8.35 2.11
C TYR A 1016 20.47 9.64 2.85
N THR A 1017 21.61 9.61 3.51
CA THR A 1017 22.11 10.74 4.29
C THR A 1017 23.59 10.99 4.01
N ASP A 1018 24.15 10.23 3.07
CA ASP A 1018 25.57 10.37 2.74
C ASP A 1018 25.77 10.37 1.23
N LEU A 1019 24.92 11.06 0.50
CA LEU A 1019 25.02 11.17 -0.95
C LEU A 1019 26.06 12.21 -1.32
N GLU A 1020 26.84 11.90 -2.36
CA GLU A 1020 27.90 12.80 -2.80
C GLU A 1020 27.32 13.98 -3.56
N LYS A 1021 28.08 15.07 -3.60
CA LYS A 1021 27.71 16.28 -4.30
C LYS A 1021 28.73 16.57 -5.40
N GLU A 1022 28.33 17.38 -6.38
CA GLU A 1022 29.20 17.70 -7.50
C GLU A 1022 29.95 18.98 -7.16
N ALA A 1023 29.27 20.10 -6.90
CA ALA A 1023 29.90 21.38 -6.64
C ALA A 1023 28.88 22.35 -6.07
N PRO A 1024 29.29 23.33 -5.28
CA PRO A 1024 28.34 24.34 -4.79
C PRO A 1024 27.80 25.17 -5.94
N TRP A 1025 26.65 25.82 -5.71
CA TRP A 1025 26.02 26.62 -6.75
C TRP A 1025 26.91 27.79 -7.18
N GLU A 1026 27.53 28.45 -6.21
CA GLU A 1026 28.50 29.51 -6.47
C GLU A 1026 29.83 29.09 -5.85
N TYR A 1027 30.98 29.45 -6.41
CA TYR A 1027 32.24 29.00 -5.86
C TYR A 1027 33.04 30.13 -5.24
N GLN A 1028 33.39 31.14 -6.03
CA GLN A 1028 34.22 32.26 -5.59
C GLN A 1028 34.26 33.37 -6.63
N LYS A 1029 34.66 34.57 -6.20
CA LYS A 1029 35.04 35.70 -7.06
C LYS A 1029 34.11 35.85 -8.27
N ARG A 1030 32.84 36.14 -7.97
CA ARG A 1030 31.83 36.41 -8.99
C ARG A 1030 32.34 37.40 -10.02
N PRO A 1031 31.97 37.27 -11.28
CA PRO A 1031 32.48 38.16 -12.32
C PRO A 1031 32.00 39.59 -12.11
N PRO A 1032 32.73 40.58 -12.61
CA PRO A 1032 32.31 41.98 -12.47
C PRO A 1032 31.02 42.23 -13.22
N PRO A 1033 30.33 43.34 -12.93
CA PRO A 1033 29.07 43.62 -13.63
C PRO A 1033 29.27 44.05 -15.08
N ALA A 1034 29.99 43.22 -15.85
CA ALA A 1034 30.18 43.44 -17.27
C ALA A 1034 30.05 42.13 -18.02
N TRP A 1035 29.73 41.07 -17.29
CA TRP A 1035 29.58 39.72 -17.86
C TRP A 1035 28.11 39.36 -17.89
N PRO A 1036 27.61 38.72 -18.95
CA PRO A 1036 28.39 38.33 -20.13
C PRO A 1036 28.39 39.39 -21.24
N HIS A 1037 29.04 39.06 -22.35
CA HIS A 1037 29.08 39.93 -23.52
C HIS A 1037 28.63 39.16 -24.75
N GLU A 1038 28.88 39.72 -25.94
CA GLU A 1038 28.34 39.24 -27.22
C GLU A 1038 28.31 37.73 -27.37
N GLY A 1039 29.24 37.02 -26.73
CA GLY A 1039 29.15 35.57 -26.69
C GLY A 1039 30.03 34.82 -27.66
N VAL A 1040 31.31 35.18 -27.73
CA VAL A 1040 32.26 34.44 -28.56
C VAL A 1040 32.55 33.10 -27.89
N ILE A 1041 31.99 32.03 -28.44
CA ILE A 1041 32.13 30.68 -27.90
C ILE A 1041 33.26 29.96 -28.65
N ILE A 1042 34.17 29.36 -27.90
CA ILE A 1042 35.32 28.64 -28.45
C ILE A 1042 35.35 27.25 -27.84
N PHE A 1043 35.13 26.23 -28.67
CA PHE A 1043 35.22 24.85 -28.23
C PHE A 1043 36.61 24.31 -28.54
N ASP A 1044 37.36 23.98 -27.49
CA ASP A 1044 38.75 23.53 -27.62
C ASP A 1044 38.86 22.11 -27.06
N ASN A 1045 38.61 21.12 -27.92
CA ASN A 1045 38.78 19.71 -27.57
C ASN A 1045 37.97 19.34 -26.34
N VAL A 1046 36.65 19.47 -26.44
CA VAL A 1046 35.76 19.16 -25.33
C VAL A 1046 35.20 17.75 -25.53
N ASN A 1047 35.13 17.00 -24.43
CA ASN A 1047 34.57 15.65 -24.43
C ASN A 1047 33.58 15.51 -23.29
N PHE A 1048 32.43 14.88 -23.57
CA PHE A 1048 31.36 14.73 -22.60
C PHE A 1048 31.09 13.25 -22.38
N MET A 1049 30.85 12.89 -21.12
CA MET A 1049 30.50 11.52 -20.74
C MET A 1049 29.41 11.57 -19.67
N TYR A 1050 28.32 10.84 -19.94
CA TYR A 1050 27.20 10.83 -19.00
C TYR A 1050 27.55 10.12 -17.70
N SER A 1051 28.51 9.20 -17.71
CA SER A 1051 28.91 8.48 -16.53
C SER A 1051 30.43 8.38 -16.48
N PRO A 1052 31.02 8.41 -15.28
CA PRO A 1052 32.48 8.29 -15.17
C PRO A 1052 32.95 6.90 -15.56
N GLY A 1053 33.68 6.83 -16.68
CA GLY A 1053 34.18 5.57 -17.18
C GLY A 1053 33.28 4.86 -18.15
N GLY A 1054 32.15 5.44 -18.51
CA GLY A 1054 31.23 4.84 -19.45
C GLY A 1054 31.60 5.15 -20.88
N PRO A 1055 30.65 4.92 -21.79
CA PRO A 1055 30.89 5.21 -23.21
C PRO A 1055 30.96 6.71 -23.45
N LEU A 1056 31.98 7.14 -24.18
CA LEU A 1056 32.17 8.55 -24.49
C LEU A 1056 31.18 9.00 -25.55
N VAL A 1057 30.54 10.15 -25.32
CA VAL A 1057 29.54 10.67 -26.26
C VAL A 1057 30.17 11.65 -27.23
N LEU A 1058 30.96 12.60 -26.73
CA LEU A 1058 31.62 13.61 -27.56
C LEU A 1058 33.07 13.21 -27.75
N LYS A 1059 33.53 13.20 -29.00
CA LYS A 1059 34.87 12.77 -29.35
C LYS A 1059 35.60 13.92 -30.04
N HIS A 1060 36.29 14.74 -29.26
CA HIS A 1060 37.13 15.82 -29.77
C HIS A 1060 36.33 16.79 -30.65
N LEU A 1061 35.36 17.47 -30.04
CA LEU A 1061 34.58 18.46 -30.75
C LEU A 1061 35.26 19.82 -30.66
N THR A 1062 35.60 20.40 -31.81
CA THR A 1062 36.24 21.71 -31.89
C THR A 1062 35.42 22.60 -32.81
N ALA A 1063 34.91 23.69 -32.26
CA ALA A 1063 34.09 24.62 -33.03
C ALA A 1063 34.29 26.02 -32.48
N LEU A 1064 34.20 27.02 -33.37
CA LEU A 1064 34.37 28.42 -33.01
C LEU A 1064 33.10 29.17 -33.41
N ILE A 1065 32.39 29.71 -32.41
CA ILE A 1065 31.16 30.47 -32.64
C ILE A 1065 31.51 31.94 -32.54
N LYS A 1066 31.28 32.67 -33.62
CA LYS A 1066 31.62 34.09 -33.66
C LYS A 1066 30.54 34.93 -32.99
N SER A 1067 30.66 36.24 -33.16
CA SER A 1067 29.75 37.16 -32.49
C SER A 1067 28.44 37.29 -33.26
N GLN A 1068 27.33 37.16 -32.53
CA GLN A 1068 25.97 37.32 -33.05
C GLN A 1068 25.67 36.40 -34.24
N GLU A 1069 26.26 35.21 -34.28
CA GLU A 1069 26.00 34.31 -35.38
C GLU A 1069 24.97 33.25 -35.00
N LYS A 1070 24.20 32.81 -35.99
CA LYS A 1070 23.17 31.78 -35.80
C LYS A 1070 23.76 30.44 -36.23
N VAL A 1071 24.21 29.64 -35.27
CA VAL A 1071 24.79 28.33 -35.53
C VAL A 1071 23.82 27.28 -35.02
N GLY A 1072 23.46 26.34 -35.87
CA GLY A 1072 22.53 25.29 -35.48
C GLY A 1072 23.19 23.92 -35.48
N ILE A 1073 22.53 22.98 -34.79
CA ILE A 1073 23.02 21.61 -34.67
C ILE A 1073 22.04 20.70 -35.40
N VAL A 1074 22.57 19.81 -36.22
CA VAL A 1074 21.75 18.85 -36.98
C VAL A 1074 22.45 17.50 -36.96
N GLY A 1075 21.65 16.47 -36.75
CA GLY A 1075 22.15 15.10 -36.70
C GLY A 1075 21.04 14.11 -36.49
N ARG A 1076 21.39 12.83 -36.64
CA ARG A 1076 20.42 11.76 -36.45
C ARG A 1076 20.14 11.56 -34.96
N THR A 1077 19.16 10.69 -34.68
CA THR A 1077 18.78 10.41 -33.30
C THR A 1077 19.89 9.62 -32.61
N GLY A 1078 20.38 10.17 -31.50
CA GLY A 1078 21.43 9.54 -30.73
C GLY A 1078 22.83 9.94 -31.13
N ALA A 1079 23.00 10.86 -32.08
CA ALA A 1079 24.32 11.29 -32.52
C ALA A 1079 25.01 12.18 -31.50
N GLY A 1080 24.27 12.75 -30.55
CA GLY A 1080 24.85 13.61 -29.55
C GLY A 1080 24.39 15.07 -29.58
N LYS A 1081 23.14 15.32 -29.99
CA LYS A 1081 22.66 16.69 -30.06
C LYS A 1081 22.38 17.25 -28.66
N SER A 1082 21.66 16.48 -27.83
CA SER A 1082 21.33 16.94 -26.49
C SER A 1082 22.55 16.98 -25.57
N SER A 1083 23.52 16.09 -25.79
CA SER A 1083 24.71 16.08 -24.93
C SER A 1083 25.53 17.36 -25.08
N LEU A 1084 25.48 17.99 -26.26
CA LEU A 1084 26.18 19.25 -26.45
C LEU A 1084 25.64 20.33 -25.52
N ILE A 1085 24.32 20.52 -25.51
CA ILE A 1085 23.72 21.53 -24.66
C ILE A 1085 23.82 21.11 -23.18
N SER A 1086 23.86 19.80 -22.93
CA SER A 1086 24.02 19.34 -21.55
C SER A 1086 25.40 19.69 -21.03
N ALA A 1087 26.43 19.56 -21.86
CA ALA A 1087 27.78 19.95 -21.45
C ALA A 1087 27.92 21.47 -21.40
N LEU A 1088 27.19 22.17 -22.26
CA LEU A 1088 27.25 23.63 -22.25
C LEU A 1088 26.61 24.19 -20.98
N PHE A 1089 25.50 23.60 -20.53
CA PHE A 1089 24.88 24.00 -19.27
C PHE A 1089 25.52 23.35 -18.06
N ARG A 1090 26.62 22.62 -18.24
CA ARG A 1090 27.36 21.99 -17.15
C ARG A 1090 26.47 21.03 -16.35
N LEU A 1091 25.67 20.24 -17.06
CA LEU A 1091 24.89 19.21 -16.42
C LEU A 1091 25.78 18.12 -15.82
N SER A 1092 26.88 17.79 -16.49
CA SER A 1092 27.88 16.87 -15.98
C SER A 1092 29.26 17.39 -16.33
N GLU A 1093 30.24 17.05 -15.49
CA GLU A 1093 31.61 17.54 -15.68
C GLU A 1093 32.19 16.97 -16.97
N PRO A 1094 32.49 17.81 -17.96
CA PRO A 1094 33.04 17.29 -19.22
C PRO A 1094 34.56 17.24 -19.19
N GLU A 1095 35.12 16.56 -20.19
CA GLU A 1095 36.56 16.45 -20.33
C GLU A 1095 37.06 17.48 -21.35
N GLY A 1096 38.20 18.08 -21.05
CA GLY A 1096 38.78 19.09 -21.91
C GLY A 1096 38.61 20.49 -21.35
N LYS A 1097 38.62 21.45 -22.27
CA LYS A 1097 38.49 22.86 -21.93
C LYS A 1097 37.43 23.50 -22.83
N ILE A 1098 36.32 23.91 -22.23
CA ILE A 1098 35.25 24.62 -22.93
C ILE A 1098 35.33 26.09 -22.54
N TRP A 1099 35.61 26.95 -23.52
CA TRP A 1099 35.80 28.36 -23.29
C TRP A 1099 34.64 29.15 -23.87
N ILE A 1100 33.97 29.93 -23.02
CA ILE A 1100 32.91 30.83 -23.44
C ILE A 1100 33.24 32.22 -22.89
N ASP A 1101 33.10 33.23 -23.73
CA ASP A 1101 33.34 34.62 -23.36
C ASP A 1101 34.75 34.80 -22.77
N LYS A 1102 35.70 34.07 -23.34
CA LYS A 1102 37.10 34.03 -22.92
C LYS A 1102 37.26 33.66 -21.46
N ILE A 1103 36.31 32.93 -20.88
CA ILE A 1103 36.35 32.54 -19.47
C ILE A 1103 36.00 31.06 -19.37
N LEU A 1104 36.81 30.31 -18.64
CA LEU A 1104 36.55 28.88 -18.47
C LEU A 1104 35.30 28.67 -17.63
N THR A 1105 34.46 27.72 -18.06
CA THR A 1105 33.21 27.47 -17.35
C THR A 1105 33.44 26.70 -16.04
N THR A 1106 34.54 25.96 -15.93
CA THR A 1106 34.81 25.21 -14.71
C THR A 1106 35.14 26.10 -13.52
N GLU A 1107 35.67 27.30 -13.77
CA GLU A 1107 35.99 28.24 -12.70
C GLU A 1107 34.79 29.08 -12.27
N ILE A 1108 33.64 28.92 -12.93
CA ILE A 1108 32.45 29.70 -12.63
C ILE A 1108 31.40 28.77 -12.03
N GLY A 1109 30.67 29.30 -11.05
CA GLY A 1109 29.64 28.50 -10.39
C GLY A 1109 28.53 28.09 -11.35
N LEU A 1110 27.72 27.13 -10.91
CA LEU A 1110 26.68 26.57 -11.77
C LEU A 1110 25.53 27.54 -11.96
N HIS A 1111 25.08 28.19 -10.89
CA HIS A 1111 23.98 29.14 -11.02
C HIS A 1111 24.39 30.39 -11.79
N ASP A 1112 25.63 30.85 -11.60
CA ASP A 1112 26.10 32.03 -12.32
C ASP A 1112 26.17 31.76 -13.82
N LEU A 1113 26.33 30.50 -14.21
CA LEU A 1113 26.36 30.16 -15.63
C LEU A 1113 24.95 29.87 -16.16
N ARG A 1114 24.10 29.28 -15.31
CA ARG A 1114 22.77 28.88 -15.77
C ARG A 1114 21.81 30.06 -15.82
N LYS A 1115 22.04 31.09 -15.00
CA LYS A 1115 21.13 32.24 -15.01
C LYS A 1115 21.40 33.15 -16.20
N LYS A 1116 22.60 33.09 -16.77
CA LYS A 1116 22.97 33.92 -17.91
C LYS A 1116 22.72 33.24 -19.25
N MET A 1117 22.03 32.11 -19.27
CA MET A 1117 21.74 31.38 -20.49
C MET A 1117 20.30 30.90 -20.47
N SER A 1118 19.62 31.06 -21.60
CA SER A 1118 18.23 30.63 -21.76
C SER A 1118 18.16 29.44 -22.70
N ILE A 1119 17.20 28.56 -22.46
CA ILE A 1119 17.03 27.35 -23.26
C ILE A 1119 15.54 27.05 -23.43
N ILE A 1120 15.17 26.65 -24.62
CA ILE A 1120 13.80 26.20 -24.91
C ILE A 1120 13.83 24.69 -25.14
N PRO A 1121 13.45 23.89 -24.15
CA PRO A 1121 13.60 22.43 -24.27
C PRO A 1121 12.61 21.84 -25.27
N GLN A 1122 12.84 20.56 -25.57
CA GLN A 1122 11.97 19.85 -26.51
C GLN A 1122 10.59 19.61 -25.90
N GLU A 1123 10.54 19.19 -24.64
CA GLU A 1123 9.28 18.94 -23.97
C GLU A 1123 8.99 20.09 -23.02
N PRO A 1124 8.09 21.01 -23.37
CA PRO A 1124 7.80 22.14 -22.46
C PRO A 1124 7.03 21.70 -21.23
N VAL A 1125 7.70 21.67 -20.08
CA VAL A 1125 7.10 21.25 -18.83
C VAL A 1125 6.77 22.49 -18.01
N LEU A 1126 5.50 22.65 -17.66
CA LEU A 1126 5.04 23.78 -16.87
C LEU A 1126 4.55 23.28 -15.51
N PHE A 1127 4.96 23.98 -14.45
CA PHE A 1127 4.62 23.61 -13.09
C PHE A 1127 3.34 24.31 -12.65
N THR A 1128 2.70 23.74 -11.63
CA THR A 1128 1.45 24.30 -11.13
C THR A 1128 1.70 25.63 -10.42
N GLY A 1129 0.63 26.39 -10.22
CA GLY A 1129 0.68 27.68 -9.56
C GLY A 1129 0.32 28.78 -10.52
N THR A 1130 0.54 30.02 -10.08
CA THR A 1130 0.23 31.18 -10.91
C THR A 1130 1.28 31.34 -12.01
N MET A 1131 0.91 32.08 -13.05
CA MET A 1131 1.84 32.33 -14.16
C MET A 1131 2.92 33.31 -13.75
N ARG A 1132 2.68 34.08 -12.69
CA ARG A 1132 3.69 35.02 -12.20
C ARG A 1132 4.92 34.27 -11.69
N LYS A 1133 4.70 33.18 -10.96
CA LYS A 1133 5.82 32.37 -10.47
C LYS A 1133 6.44 31.57 -11.61
N ASN A 1134 5.66 31.18 -12.61
CA ASN A 1134 6.20 30.44 -13.73
C ASN A 1134 7.11 31.30 -14.60
N LEU A 1135 6.75 32.57 -14.80
CA LEU A 1135 7.58 33.46 -15.62
C LEU A 1135 8.72 34.05 -14.79
N ASP A 1136 8.44 34.43 -13.54
CA ASP A 1136 9.45 35.03 -12.67
C ASP A 1136 9.24 34.51 -11.26
N PRO A 1137 9.90 33.40 -10.89
CA PRO A 1137 9.73 32.85 -9.54
C PRO A 1137 10.39 33.67 -8.45
N PHE A 1138 11.33 34.56 -8.79
CA PHE A 1138 12.02 35.38 -7.81
C PHE A 1138 11.47 36.80 -7.73
N ASN A 1139 10.44 37.13 -8.54
CA ASN A 1139 9.84 38.45 -8.54
C ASN A 1139 10.87 39.54 -8.86
N GLU A 1140 11.78 39.22 -9.78
CA GLU A 1140 12.82 40.17 -10.17
C GLU A 1140 12.34 41.16 -11.22
N HIS A 1141 11.28 40.85 -11.96
CA HIS A 1141 10.75 41.71 -12.99
C HIS A 1141 9.38 42.24 -12.58
N THR A 1142 9.03 43.41 -13.10
CA THR A 1142 7.74 44.02 -12.81
C THR A 1142 6.65 43.43 -13.70
N ASP A 1143 5.40 43.70 -13.33
CA ASP A 1143 4.28 43.17 -14.10
C ASP A 1143 4.19 43.81 -15.47
N GLU A 1144 4.69 45.03 -15.62
CA GLU A 1144 4.64 45.69 -16.93
C GLU A 1144 5.52 44.96 -17.94
N GLU A 1145 6.71 44.53 -17.53
CA GLU A 1145 7.58 43.79 -18.44
C GLU A 1145 6.96 42.45 -18.82
N LEU A 1146 6.35 41.76 -17.86
CA LEU A 1146 5.68 40.50 -18.16
C LEU A 1146 4.53 40.69 -19.14
N TRP A 1147 3.74 41.76 -18.94
CA TRP A 1147 2.64 42.03 -19.85
C TRP A 1147 3.15 42.38 -21.24
N ASN A 1148 4.24 43.15 -21.32
CA ASN A 1148 4.81 43.50 -22.62
C ASN A 1148 5.32 42.26 -23.34
N ALA A 1149 5.97 41.35 -22.60
CA ALA A 1149 6.45 40.11 -23.21
C ALA A 1149 5.29 39.24 -23.67
N LEU A 1150 4.22 39.18 -22.88
CA LEU A 1150 3.06 38.37 -23.24
C LEU A 1150 2.34 38.96 -24.45
N GLN A 1151 2.38 40.29 -24.60
CA GLN A 1151 1.78 40.90 -25.78
C GLN A 1151 2.68 40.69 -27.01
N GLU A 1152 4.00 40.68 -26.80
CA GLU A 1152 4.91 40.45 -27.91
C GLU A 1152 4.83 39.00 -28.41
N VAL A 1153 4.66 38.05 -27.50
CA VAL A 1153 4.56 36.64 -27.88
C VAL A 1153 3.15 36.37 -28.39
N GLN A 1154 2.29 37.38 -28.30
CA GLN A 1154 0.90 37.32 -28.78
C GLN A 1154 0.07 36.32 -28.00
N LEU A 1155 0.19 36.34 -26.67
CA LEU A 1155 -0.65 35.54 -25.79
C LEU A 1155 -1.47 36.38 -24.82
N LYS A 1156 -1.62 37.68 -25.09
CA LYS A 1156 -2.34 38.55 -24.16
C LYS A 1156 -3.85 38.36 -24.29
N GLU A 1157 -4.32 38.12 -25.51
CA GLU A 1157 -5.76 37.97 -25.72
C GLU A 1157 -6.24 36.61 -25.22
N THR A 1158 -5.37 35.60 -25.27
CA THR A 1158 -5.77 34.26 -24.82
C THR A 1158 -5.78 34.16 -23.31
N ILE A 1159 -5.28 35.19 -22.61
CA ILE A 1159 -5.26 35.14 -21.15
C ILE A 1159 -6.25 36.15 -20.57
N GLU A 1160 -6.72 37.10 -21.38
CA GLU A 1160 -7.65 38.11 -20.88
C GLU A 1160 -9.04 37.53 -20.65
N ASP A 1161 -9.39 36.45 -21.34
CA ASP A 1161 -10.70 35.84 -21.17
C ASP A 1161 -10.86 35.18 -19.81
N LEU A 1162 -9.77 34.76 -19.18
CA LEU A 1162 -9.85 34.14 -17.87
C LEU A 1162 -9.94 35.20 -16.78
N PRO A 1163 -10.70 34.95 -15.72
CA PRO A 1163 -10.83 35.97 -14.65
C PRO A 1163 -9.60 36.10 -13.78
N GLY A 1164 -8.64 35.19 -13.89
CA GLY A 1164 -7.45 35.23 -13.06
C GLY A 1164 -6.18 35.42 -13.86
N LYS A 1165 -6.22 36.31 -14.86
CA LYS A 1165 -5.16 36.52 -15.84
C LYS A 1165 -3.75 36.42 -15.26
N MET A 1166 -3.52 37.04 -14.10
CA MET A 1166 -2.20 36.99 -13.49
C MET A 1166 -2.02 35.79 -12.58
N ASP A 1167 -3.11 35.18 -12.10
CA ASP A 1167 -3.03 34.09 -11.13
C ASP A 1167 -3.85 32.87 -11.55
N THR A 1168 -3.74 32.42 -12.79
CA THR A 1168 -4.45 31.21 -13.21
C THR A 1168 -3.84 29.99 -12.54
N GLU A 1169 -4.69 29.18 -11.92
CA GLU A 1169 -4.24 27.93 -11.31
C GLU A 1169 -3.98 26.91 -12.40
N LEU A 1170 -2.73 26.82 -12.85
CA LEU A 1170 -2.37 25.95 -13.95
C LEU A 1170 -2.27 24.51 -13.48
N ALA A 1171 -2.78 23.59 -14.29
CA ALA A 1171 -2.77 22.17 -13.94
C ALA A 1171 -1.36 21.60 -14.04
N GLU A 1172 -1.25 20.30 -13.76
CA GLU A 1172 0.04 19.63 -13.78
C GLU A 1172 0.53 19.44 -15.22
N SER A 1173 1.82 19.67 -15.42
CA SER A 1173 2.51 19.50 -16.69
C SER A 1173 1.90 20.32 -17.82
N GLY A 1174 1.15 21.38 -17.50
CA GLY A 1174 0.54 22.20 -18.53
C GLY A 1174 -0.53 21.51 -19.33
N SER A 1175 -1.35 20.68 -18.71
CA SER A 1175 -2.39 19.96 -19.43
C SER A 1175 -3.50 20.88 -19.93
N ASN A 1176 -3.69 22.03 -19.28
CA ASN A 1176 -4.73 22.96 -19.68
C ASN A 1176 -4.40 23.71 -20.97
N PHE A 1177 -3.14 23.75 -21.37
CA PHE A 1177 -2.71 24.45 -22.57
C PHE A 1177 -2.12 23.45 -23.57
N SER A 1178 -2.15 23.81 -24.85
CA SER A 1178 -1.60 22.95 -25.89
C SER A 1178 -0.08 23.03 -25.88
N VAL A 1179 0.53 22.21 -26.75
CA VAL A 1179 1.99 22.19 -26.83
C VAL A 1179 2.51 23.50 -27.42
N GLY A 1180 1.77 24.08 -28.36
CA GLY A 1180 2.18 25.34 -28.93
C GLY A 1180 2.13 26.48 -27.93
N GLN A 1181 1.08 26.50 -27.09
CA GLN A 1181 0.99 27.52 -26.06
C GLN A 1181 2.12 27.38 -25.04
N ARG A 1182 2.46 26.16 -24.68
CA ARG A 1182 3.58 25.95 -23.76
C ARG A 1182 4.90 26.37 -24.39
N GLN A 1183 5.10 26.09 -25.69
CA GLN A 1183 6.30 26.54 -26.36
C GLN A 1183 6.38 28.06 -26.41
N LEU A 1184 5.24 28.72 -26.63
CA LEU A 1184 5.22 30.18 -26.62
C LEU A 1184 5.50 30.72 -25.21
N VAL A 1185 5.04 29.99 -24.18
CA VAL A 1185 5.34 30.40 -22.81
C VAL A 1185 6.84 30.30 -22.53
N CYS A 1186 7.47 29.22 -22.98
CA CYS A 1186 8.92 29.09 -22.80
C CYS A 1186 9.67 30.14 -23.60
N LEU A 1187 9.16 30.50 -24.79
CA LEU A 1187 9.80 31.55 -25.57
C LEU A 1187 9.70 32.90 -24.86
N ALA A 1188 8.53 33.18 -24.26
CA ALA A 1188 8.37 34.41 -23.49
C ALA A 1188 9.28 34.41 -22.28
N ARG A 1189 9.46 33.24 -21.65
CA ARG A 1189 10.40 33.14 -20.53
C ARG A 1189 11.82 33.47 -20.98
N ALA A 1190 12.24 32.89 -22.11
CA ALA A 1190 13.58 33.16 -22.62
C ALA A 1190 13.75 34.62 -23.00
N ILE A 1191 12.69 35.25 -23.51
CA ILE A 1191 12.75 36.67 -23.84
C ILE A 1191 12.87 37.51 -22.57
N LEU A 1192 12.11 37.16 -21.54
CA LEU A 1192 12.17 37.91 -20.28
C LEU A 1192 13.52 37.72 -19.60
N ARG A 1193 14.17 36.58 -19.82
CA ARG A 1193 15.49 36.34 -19.25
C ARG A 1193 16.53 37.32 -19.78
N LYS A 1194 16.39 37.77 -21.03
CA LYS A 1194 17.30 38.75 -21.64
C LYS A 1194 18.74 38.27 -21.58
N ASN A 1195 18.94 36.98 -21.85
CA ASN A 1195 20.28 36.40 -21.85
C ASN A 1195 20.90 36.47 -23.24
N GLN A 1196 22.22 36.59 -23.28
CA GLN A 1196 22.95 36.69 -24.53
C GLN A 1196 23.13 35.35 -25.23
N ILE A 1197 22.73 34.25 -24.60
CA ILE A 1197 22.88 32.91 -25.16
C ILE A 1197 21.51 32.24 -25.16
N LEU A 1198 21.05 31.83 -26.33
CA LEU A 1198 19.78 31.14 -26.49
C LEU A 1198 20.03 29.78 -27.14
N ILE A 1199 19.33 28.76 -26.66
CA ILE A 1199 19.46 27.40 -27.17
C ILE A 1199 18.07 26.83 -27.40
N ILE A 1200 17.85 26.27 -28.59
CA ILE A 1200 16.59 25.64 -28.96
C ILE A 1200 16.91 24.23 -29.45
N ASP A 1201 16.32 23.23 -28.80
CA ASP A 1201 16.56 21.83 -29.13
C ASP A 1201 15.24 21.12 -29.33
N GLU A 1202 14.87 20.89 -30.59
CA GLU A 1202 13.67 20.15 -30.98
C GLU A 1202 12.42 20.76 -30.33
N ALA A 1203 12.32 22.08 -30.38
CA ALA A 1203 11.16 22.76 -29.81
C ALA A 1203 10.03 22.87 -30.81
N THR A 1204 10.33 22.69 -32.10
CA THR A 1204 9.34 22.80 -33.16
C THR A 1204 9.13 21.49 -33.93
N ALA A 1205 9.12 20.36 -33.23
CA ALA A 1205 8.90 19.09 -33.91
C ALA A 1205 7.42 18.71 -33.92
N ASN A 1206 6.75 18.88 -32.78
CA ASN A 1206 5.31 18.61 -32.67
C ASN A 1206 4.50 19.89 -32.68
N VAL A 1207 4.91 20.87 -33.48
CA VAL A 1207 4.29 22.20 -33.50
C VAL A 1207 3.63 22.43 -34.84
N ASP A 1208 2.40 22.95 -34.78
CA ASP A 1208 1.67 23.27 -36.01
C ASP A 1208 2.41 24.36 -36.79
N PRO A 1209 2.27 24.36 -38.13
CA PRO A 1209 3.08 25.30 -38.93
C PRO A 1209 2.81 26.76 -38.64
N ARG A 1210 1.59 27.11 -38.25
CA ARG A 1210 1.28 28.52 -37.98
C ARG A 1210 2.05 29.05 -36.78
N THR A 1211 1.88 28.41 -35.61
CA THR A 1211 2.64 28.83 -34.44
C THR A 1211 4.13 28.55 -34.61
N ASP A 1212 4.49 27.59 -35.47
CA ASP A 1212 5.90 27.36 -35.75
C ASP A 1212 6.52 28.56 -36.44
N GLU A 1213 5.90 29.05 -37.51
CA GLU A 1213 6.42 30.22 -38.20
C GLU A 1213 6.30 31.47 -37.33
N LEU A 1214 5.30 31.50 -36.45
CA LEU A 1214 5.20 32.60 -35.48
C LEU A 1214 6.41 32.62 -34.55
N ILE A 1215 6.76 31.46 -34.00
CA ILE A 1215 7.93 31.37 -33.12
C ILE A 1215 9.20 31.70 -33.89
N GLN A 1216 9.28 31.28 -35.15
CA GLN A 1216 10.44 31.59 -35.97
C GLN A 1216 10.57 33.09 -36.18
N LYS A 1217 9.47 33.76 -36.51
CA LYS A 1217 9.50 35.21 -36.68
C LYS A 1217 9.85 35.92 -35.37
N LYS A 1218 9.37 35.38 -34.24
CA LYS A 1218 9.67 35.98 -32.95
C LYS A 1218 11.15 35.85 -32.59
N ILE A 1219 11.75 34.70 -32.88
CA ILE A 1219 13.17 34.51 -32.55
C ILE A 1219 14.06 35.19 -33.59
N ARG A 1220 13.49 35.51 -34.75
CA ARG A 1220 14.26 36.25 -35.75
C ARG A 1220 14.19 37.75 -35.50
N GLU A 1221 13.11 38.21 -34.85
CA GLU A 1221 12.95 39.64 -34.61
C GLU A 1221 13.59 40.05 -33.29
N LYS A 1222 13.30 39.32 -32.22
CA LYS A 1222 13.80 39.68 -30.90
C LYS A 1222 15.23 39.21 -30.65
N PHE A 1223 15.62 38.04 -31.17
CA PHE A 1223 16.95 37.51 -30.97
C PHE A 1223 17.85 37.74 -32.18
N ALA A 1224 17.69 38.87 -32.87
CA ALA A 1224 18.54 39.17 -34.01
C ALA A 1224 19.98 39.46 -33.58
N HIS A 1225 20.14 40.11 -32.43
CA HIS A 1225 21.45 40.43 -31.90
C HIS A 1225 21.94 39.43 -30.85
N CYS A 1226 21.29 38.27 -30.74
CA CYS A 1226 21.64 37.27 -29.75
C CYS A 1226 22.09 35.98 -30.45
N THR A 1227 23.05 35.30 -29.82
CA THR A 1227 23.54 34.03 -30.36
C THR A 1227 22.57 32.92 -30.01
N VAL A 1228 21.99 32.29 -31.04
CA VAL A 1228 20.99 31.25 -30.87
C VAL A 1228 21.59 29.91 -31.27
N LEU A 1229 21.13 28.83 -30.65
CA LEU A 1229 21.53 27.47 -30.97
C LEU A 1229 20.26 26.69 -31.32
N THR A 1230 19.97 26.57 -32.61
CA THR A 1230 18.72 25.99 -33.09
C THR A 1230 18.96 24.53 -33.47
N ILE A 1231 18.39 23.61 -32.70
CA ILE A 1231 18.42 22.19 -33.01
C ILE A 1231 17.00 21.72 -33.29
N ALA A 1232 16.75 21.30 -34.52
CA ALA A 1232 15.44 20.86 -34.94
C ALA A 1232 15.55 19.70 -35.91
N HIS A 1233 14.50 18.86 -35.93
CA HIS A 1233 14.44 17.72 -36.82
C HIS A 1233 14.01 18.08 -38.24
N ARG A 1234 13.30 19.19 -38.40
CA ARG A 1234 12.87 19.65 -39.72
C ARG A 1234 13.98 20.50 -40.33
N LEU A 1235 14.16 20.38 -41.65
CA LEU A 1235 15.26 21.07 -42.31
C LEU A 1235 14.86 22.46 -42.77
N ASN A 1236 13.58 22.82 -42.65
CA ASN A 1236 13.15 24.15 -43.08
C ASN A 1236 13.52 25.22 -42.07
N THR A 1237 13.71 24.84 -40.79
CA THR A 1237 14.04 25.79 -39.75
C THR A 1237 15.54 25.92 -39.50
N ILE A 1238 16.37 25.28 -40.31
CA ILE A 1238 17.82 25.32 -40.14
C ILE A 1238 18.52 25.93 -41.35
N ILE A 1239 17.91 25.89 -42.53
CA ILE A 1239 18.56 26.41 -43.74
C ILE A 1239 18.72 27.92 -43.69
N ASP A 1240 17.95 28.61 -42.84
CA ASP A 1240 18.06 30.05 -42.69
C ASP A 1240 19.12 30.45 -41.68
N SER A 1241 19.90 29.49 -41.18
CA SER A 1241 20.96 29.79 -40.23
C SER A 1241 22.25 30.18 -40.96
N ASP A 1242 23.17 30.80 -40.23
CA ASP A 1242 24.43 31.20 -40.82
C ASP A 1242 25.36 30.01 -41.05
N LYS A 1243 25.51 29.16 -40.03
CA LYS A 1243 26.34 27.97 -40.13
C LYS A 1243 25.59 26.79 -39.53
N ILE A 1244 25.92 25.61 -40.02
CA ILE A 1244 25.28 24.36 -39.58
C ILE A 1244 26.36 23.42 -39.08
N MET A 1245 26.01 22.58 -38.11
CA MET A 1245 26.94 21.60 -37.55
C MET A 1245 26.33 20.21 -37.71
N VAL A 1246 26.91 19.41 -38.59
CA VAL A 1246 26.45 18.05 -38.85
C VAL A 1246 27.25 17.11 -37.95
N LEU A 1247 26.58 16.58 -36.93
CA LEU A 1247 27.21 15.67 -35.98
C LEU A 1247 26.88 14.23 -36.34
N ASP A 1248 27.89 13.37 -36.31
CA ASP A 1248 27.72 11.95 -36.64
C ASP A 1248 28.57 11.12 -35.69
N SER A 1249 27.91 10.22 -34.97
CA SER A 1249 28.56 9.35 -33.97
C SER A 1249 29.40 10.16 -32.99
N GLY A 1250 28.88 11.33 -32.60
CA GLY A 1250 29.57 12.20 -31.66
C GLY A 1250 30.70 13.02 -32.24
N ARG A 1251 31.02 12.85 -33.52
CA ARG A 1251 32.10 13.57 -34.17
C ARG A 1251 31.54 14.50 -35.25
N LEU A 1252 32.10 15.70 -35.31
CA LEU A 1252 31.70 16.68 -36.33
C LEU A 1252 32.41 16.37 -37.64
N LYS A 1253 31.73 16.57 -38.76
CA LYS A 1253 32.31 16.30 -40.07
C LYS A 1253 32.54 17.56 -40.88
N GLU A 1254 31.51 18.40 -41.02
CA GLU A 1254 31.62 19.64 -41.77
C GLU A 1254 31.06 20.79 -40.94
N TYR A 1255 31.73 21.93 -41.00
CA TYR A 1255 31.30 23.13 -40.26
C TYR A 1255 31.50 24.34 -41.17
N ASP A 1256 30.44 24.73 -41.84
CA ASP A 1256 30.46 25.86 -42.77
C ASP A 1256 29.03 26.30 -43.06
N GLU A 1257 28.90 27.20 -44.02
CA GLU A 1257 27.58 27.70 -44.38
C GLU A 1257 26.78 26.61 -45.09
N PRO A 1258 25.45 26.67 -45.04
CA PRO A 1258 24.65 25.60 -45.67
C PRO A 1258 24.78 25.52 -47.18
N TYR A 1259 25.00 26.65 -47.85
CA TYR A 1259 25.04 26.63 -49.31
C TYR A 1259 26.37 26.08 -49.83
N VAL A 1260 27.48 26.44 -49.19
CA VAL A 1260 28.79 25.96 -49.64
C VAL A 1260 28.92 24.47 -49.38
N LEU A 1261 28.15 23.94 -48.42
CA LEU A 1261 28.17 22.51 -48.16
C LEU A 1261 27.40 21.73 -49.22
N LEU A 1262 26.29 22.30 -49.71
CA LEU A 1262 25.45 21.59 -50.68
C LEU A 1262 26.14 21.36 -52.01
N GLN A 1263 27.15 22.18 -52.36
CA GLN A 1263 27.88 21.95 -53.60
C GLN A 1263 28.61 20.63 -53.59
N ASN A 1264 29.05 20.16 -52.42
CA ASN A 1264 29.70 18.86 -52.30
C ASN A 1264 28.62 17.79 -52.23
N LYS A 1265 28.49 17.02 -53.32
CA LYS A 1265 27.47 15.97 -53.37
C LYS A 1265 27.81 14.80 -52.45
N GLU A 1266 29.07 14.65 -52.07
CA GLU A 1266 29.48 13.55 -51.20
C GLU A 1266 29.29 13.87 -49.72
N SER A 1267 28.65 14.98 -49.38
CA SER A 1267 28.44 15.32 -47.98
C SER A 1267 27.24 14.56 -47.42
N LEU A 1268 27.05 14.67 -46.11
CA LEU A 1268 25.96 13.94 -45.45
C LEU A 1268 24.68 14.77 -45.40
N PHE A 1269 24.81 16.07 -45.10
CA PHE A 1269 23.63 16.92 -45.01
C PHE A 1269 22.95 17.06 -46.36
N TYR A 1270 23.72 16.99 -47.45
CA TYR A 1270 23.12 16.98 -48.78
C TYR A 1270 22.23 15.74 -48.96
N LYS A 1271 22.70 14.59 -48.46
CA LYS A 1271 21.89 13.39 -48.54
C LYS A 1271 20.64 13.49 -47.68
N MET A 1272 20.78 14.04 -46.47
CA MET A 1272 19.60 14.23 -45.62
C MET A 1272 18.60 15.19 -46.25
N VAL A 1273 19.09 16.19 -46.97
CA VAL A 1273 18.18 17.12 -47.64
C VAL A 1273 17.50 16.45 -48.82
N GLN A 1274 18.24 15.67 -49.61
CA GLN A 1274 17.65 14.97 -50.74
C GLN A 1274 16.72 13.85 -50.30
N GLN A 1275 16.82 13.41 -49.04
CA GLN A 1275 15.95 12.34 -48.56
C GLN A 1275 14.51 12.80 -48.35
N LEU A 1276 14.28 14.12 -48.20
CA LEU A 1276 12.94 14.63 -47.98
C LEU A 1276 12.13 14.76 -49.27
N GLY A 1277 12.74 14.54 -50.43
CA GLY A 1277 12.03 14.62 -51.67
C GLY A 1277 12.76 15.46 -52.71
N LYS A 1278 12.08 15.71 -53.83
CA LYS A 1278 12.68 16.47 -54.92
C LYS A 1278 12.28 17.94 -54.84
N ALA A 1279 10.98 18.22 -54.70
CA ALA A 1279 10.54 19.61 -54.62
C ALA A 1279 10.96 20.25 -53.30
N GLU A 1280 10.92 19.48 -52.21
CA GLU A 1280 11.38 20.00 -50.93
C GLU A 1280 12.86 20.36 -50.99
N ALA A 1281 13.69 19.46 -51.51
CA ALA A 1281 15.11 19.75 -51.65
C ALA A 1281 15.35 20.92 -52.60
N ALA A 1282 14.51 21.05 -53.63
CA ALA A 1282 14.65 22.17 -54.55
C ALA A 1282 14.38 23.49 -53.86
N ALA A 1283 13.29 23.58 -53.10
CA ALA A 1283 13.00 24.82 -52.36
C ALA A 1283 14.07 25.08 -51.31
N LEU A 1284 14.58 24.03 -50.68
CA LEU A 1284 15.62 24.19 -49.68
C LEU A 1284 16.90 24.77 -50.27
N THR A 1285 17.38 24.19 -51.39
CA THR A 1285 18.58 24.72 -52.01
C THR A 1285 18.34 26.10 -52.61
N GLU A 1286 17.10 26.39 -53.02
CA GLU A 1286 16.78 27.71 -53.54
C GLU A 1286 16.90 28.77 -52.45
N THR A 1287 16.27 28.54 -51.30
CA THR A 1287 16.36 29.53 -50.22
C THR A 1287 17.77 29.57 -49.64
N ALA A 1288 18.50 28.45 -49.71
CA ALA A 1288 19.89 28.47 -49.29
C ALA A 1288 20.73 29.37 -50.17
N LYS A 1289 20.61 29.21 -51.49
CA LYS A 1289 21.33 30.10 -52.41
C LYS A 1289 20.90 31.54 -52.23
N GLN A 1290 19.60 31.76 -51.95
CA GLN A 1290 19.11 33.11 -51.74
C GLN A 1290 19.77 33.78 -50.54
N VAL A 1291 19.76 33.10 -49.38
CA VAL A 1291 20.36 33.68 -48.19
C VAL A 1291 21.87 33.79 -48.34
N TYR A 1292 22.47 32.88 -49.11
CA TYR A 1292 23.91 32.97 -49.36
C TYR A 1292 24.25 34.22 -50.15
N PHE A 1293 23.53 34.47 -51.23
CA PHE A 1293 23.78 35.66 -52.05
C PHE A 1293 23.39 36.92 -51.30
N LYS A 1294 22.45 36.83 -50.35
CA LYS A 1294 22.06 38.00 -49.58
C LYS A 1294 23.10 38.35 -48.52
N ARG A 1295 23.72 37.33 -47.90
CA ARG A 1295 24.68 37.60 -46.84
C ARG A 1295 26.07 37.87 -47.38
N ASN A 1296 26.58 36.99 -48.25
CA ASN A 1296 27.95 37.12 -48.73
C ASN A 1296 28.12 38.19 -49.80
N TYR A 1297 27.05 38.57 -50.49
CA TYR A 1297 27.11 39.58 -51.55
C TYR A 1297 25.99 40.60 -51.37
N PRO A 1298 26.15 41.54 -50.45
CA PRO A 1298 25.09 42.54 -50.24
C PRO A 1298 24.96 43.53 -51.39
N HIS A 1299 26.06 43.83 -52.09
CA HIS A 1299 26.02 44.77 -53.20
C HIS A 1299 25.43 44.11 -54.44
#